data_6UEO
#
_entry.id   6UEO
#
_cell.length_a   42.242
_cell.length_b   55.512
_cell.length_c   146.340
_cell.angle_alpha   89.970
_cell.angle_beta   90.030
_cell.angle_gamma   90.140
#
_symmetry.space_group_name_H-M   'P 1'
#
loop_
_entity.id
_entity.type
_entity.pdbx_description
1 polymer 'TATA-box-binding protein 1'
2 polymer "DNA (5'-D(*GP*CP*TP*AP*TP*AP*AP*AP*AP*GP*GP*GP*CP*A)-3')"
3 polymer "DNA (5'-D(*TP*GP*CP*CP*CP*CP*TP*TP*TP*AP*TP*AP*GP*C)-3')"
4 water water
#
loop_
_entity_poly.entity_id
_entity_poly.type
_entity_poly.pdbx_seq_one_letter_code
_entity_poly.pdbx_strand_id
1 'polypeptide(L)'
;MSSHHHHHHSSGLVPRGSHMTDQGLEGSNPVDLSKHPSGIVPTLQNIVSTVNLDCKLDLKAIALQARNAEYNPKRFAAVI
MRIREPKTTALIFASGKMVCTGAKSEDFSKMAARKYARIVQKLGFPAKFKDFKIQNIVGSCDVKFPIRLEGLAYSHAAFS
SYEPELFPGLIYRMKVPKIVLLIFVSGKIVITGAKMRDETYKAFENIYPVLSEFRKIQQ
;
A,D,G,J
2 'polydeoxyribonucleotide' (DG)(DC)(DT)(DA)(DT)(DA)(DA)(DA)(DA)(DG)(DG)(DG)(DC)(DA) B,E,H,K
3 'polydeoxyribonucleotide' (DT)(DG)(DC)(DC)(DC)(DC)(DT)(DT)(DT)(DA)(DT)(DA)(DG)(DC) C,F,I,L
#
# COMPACT_ATOMS: atom_id res chain seq x y z
N VAL A 31 4.89 17.24 9.40
CA VAL A 31 3.50 16.80 9.25
C VAL A 31 3.45 15.45 8.54
N ASP A 32 2.81 14.47 9.19
CA ASP A 32 2.77 13.11 8.68
C ASP A 32 1.80 12.97 7.51
N LEU A 33 2.26 13.26 6.30
CA LEU A 33 1.40 13.15 5.13
C LEU A 33 1.07 11.70 4.78
N SER A 34 1.72 10.72 5.41
CA SER A 34 1.29 9.33 5.24
C SER A 34 -0.06 9.09 5.92
N LYS A 35 -0.28 9.74 7.06
CA LYS A 35 -1.56 9.64 7.76
C LYS A 35 -2.52 10.75 7.38
N HIS A 36 -2.01 11.87 6.87
CA HIS A 36 -2.81 13.04 6.51
C HIS A 36 -2.39 13.50 5.12
N PRO A 37 -2.82 12.78 4.06
CA PRO A 37 -2.38 13.15 2.71
C PRO A 37 -2.72 14.58 2.33
N SER A 38 -3.81 15.12 2.88
CA SER A 38 -4.19 16.50 2.60
C SER A 38 -3.17 17.50 3.11
N GLY A 39 -2.32 17.12 4.05
CA GLY A 39 -1.43 18.04 4.70
C GLY A 39 -2.04 18.81 5.85
N ILE A 40 -3.32 18.58 6.15
CA ILE A 40 -4.04 19.29 7.21
C ILE A 40 -4.39 18.29 8.29
N VAL A 41 -4.15 18.65 9.56
CA VAL A 41 -4.40 17.79 10.69
C VAL A 41 -5.51 18.44 11.56
N PRO A 42 -6.70 17.86 11.58
CA PRO A 42 -7.75 18.41 12.46
C PRO A 42 -7.32 18.45 13.92
N THR A 43 -7.70 19.52 14.61
CA THR A 43 -7.35 19.70 16.01
C THR A 43 -8.43 19.11 16.90
N LEU A 44 -8.02 18.24 17.83
CA LEU A 44 -8.98 17.72 18.80
C LEU A 44 -9.42 18.84 19.72
N GLN A 45 -10.72 19.01 19.88
CA GLN A 45 -11.29 20.08 20.68
C GLN A 45 -12.04 19.60 21.91
N ASN A 46 -12.55 18.38 21.88
CA ASN A 46 -13.40 17.90 22.95
C ASN A 46 -13.39 16.38 22.94
N ILE A 47 -13.32 15.80 24.14
CA ILE A 47 -13.34 14.35 24.31
C ILE A 47 -14.40 14.02 25.35
N VAL A 48 -15.26 13.07 25.03
CA VAL A 48 -16.20 12.52 25.99
C VAL A 48 -15.79 11.07 26.28
N SER A 49 -15.65 10.75 27.55
CA SER A 49 -15.36 9.38 27.96
C SER A 49 -16.24 8.98 29.13
N THR A 50 -16.31 7.67 29.35
CA THR A 50 -17.08 7.11 30.46
C THR A 50 -16.21 6.10 31.20
N VAL A 51 -16.49 5.94 32.50
CA VAL A 51 -15.87 4.91 33.32
C VAL A 51 -16.89 4.48 34.35
N ASN A 52 -16.67 3.29 34.92
CA ASN A 52 -17.54 2.71 35.94
C ASN A 52 -16.74 2.53 37.21
N LEU A 53 -17.10 3.28 38.26
CA LEU A 53 -16.46 3.12 39.56
C LEU A 53 -16.88 1.83 40.26
N ASP A 54 -17.85 1.10 39.72
CA ASP A 54 -18.32 -0.19 40.21
C ASP A 54 -19.01 -0.11 41.56
N CYS A 55 -18.69 0.91 42.36
CA CYS A 55 -19.30 1.08 43.68
C CYS A 55 -20.46 2.06 43.60
N LYS A 56 -21.43 1.88 44.49
CA LYS A 56 -22.57 2.78 44.56
C LYS A 56 -22.20 4.03 45.34
N LEU A 57 -22.78 5.16 44.95
CA LEU A 57 -22.39 6.45 45.48
C LEU A 57 -23.56 7.16 46.15
N ASP A 58 -23.23 8.02 47.09
CA ASP A 58 -24.18 8.88 47.79
C ASP A 58 -24.02 10.27 47.20
N LEU A 59 -24.88 10.62 46.25
CA LEU A 59 -24.70 11.86 45.50
C LEU A 59 -24.87 13.08 46.38
N LYS A 60 -25.85 13.06 47.30
CA LYS A 60 -26.06 14.22 48.16
C LYS A 60 -24.84 14.47 49.04
N ALA A 61 -24.27 13.40 49.61
CA ALA A 61 -23.10 13.56 50.47
C ALA A 61 -21.89 14.06 49.70
N ILE A 62 -21.72 13.61 48.45
CA ILE A 62 -20.63 14.10 47.62
C ILE A 62 -20.76 15.60 47.38
N ALA A 63 -21.99 16.06 47.16
CA ALA A 63 -22.21 17.48 46.94
C ALA A 63 -21.93 18.32 48.18
N LEU A 64 -22.01 17.73 49.37
CA LEU A 64 -21.68 18.48 50.59
C LEU A 64 -20.17 18.53 50.81
N GLN A 65 -19.48 17.41 50.61
CA GLN A 65 -18.06 17.35 50.96
C GLN A 65 -17.19 17.90 49.84
N ALA A 66 -17.38 17.44 48.60
CA ALA A 66 -16.61 17.96 47.49
C ALA A 66 -16.80 19.46 47.36
N ARG A 67 -15.89 20.11 46.63
CA ARG A 67 -15.93 21.56 46.57
C ARG A 67 -16.51 22.06 45.26
N ASN A 68 -15.72 22.06 44.18
CA ASN A 68 -16.26 22.52 42.90
C ASN A 68 -17.28 21.52 42.36
N ALA A 69 -18.41 21.39 43.05
CA ALA A 69 -19.39 20.34 42.75
C ALA A 69 -20.80 20.87 42.92
N GLU A 70 -21.62 20.70 41.90
CA GLU A 70 -23.02 21.11 41.94
C GLU A 70 -23.92 19.88 41.91
N TYR A 71 -25.13 20.04 42.46
CA TYR A 71 -26.08 18.93 42.50
C TYR A 71 -27.48 19.49 42.72
N ASN A 72 -28.40 19.15 41.82
CA ASN A 72 -29.80 19.50 41.98
C ASN A 72 -30.63 18.37 41.40
N PRO A 73 -31.02 17.40 42.24
CA PRO A 73 -31.58 16.15 41.70
C PRO A 73 -32.92 16.32 41.01
N LYS A 74 -33.69 17.35 41.34
CA LYS A 74 -34.96 17.54 40.64
C LYS A 74 -34.79 18.09 39.23
N ARG A 75 -33.60 18.56 38.87
CA ARG A 75 -33.30 18.97 37.51
C ARG A 75 -32.48 17.95 36.74
N PHE A 76 -31.59 17.22 37.43
CA PHE A 76 -30.73 16.23 36.81
C PHE A 76 -30.15 15.34 37.90
N ALA A 77 -30.13 14.03 37.64
CA ALA A 77 -29.78 13.06 38.67
C ALA A 77 -28.29 12.78 38.73
N ALA A 78 -27.47 13.82 38.76
CA ALA A 78 -26.02 13.64 38.73
C ALA A 78 -25.34 14.76 39.49
N VAL A 79 -24.21 14.43 40.10
CA VAL A 79 -23.32 15.44 40.67
C VAL A 79 -22.44 15.97 39.54
N ILE A 80 -22.46 17.28 39.34
CA ILE A 80 -21.62 17.93 38.33
C ILE A 80 -20.37 18.45 39.04
N MET A 81 -19.21 17.95 38.63
CA MET A 81 -17.95 18.32 39.23
C MET A 81 -16.98 18.76 38.15
N ARG A 82 -16.15 19.74 38.49
CA ARG A 82 -15.16 20.28 37.57
C ARG A 82 -13.80 20.35 38.24
N ILE A 83 -12.75 20.10 37.46
CA ILE A 83 -11.38 20.29 37.89
C ILE A 83 -10.66 21.19 36.88
N ARG A 84 -9.54 21.76 37.34
CA ARG A 84 -8.78 22.76 36.59
C ARG A 84 -7.82 22.15 35.59
N GLU A 85 -7.14 21.06 35.95
CA GLU A 85 -6.19 20.45 35.04
C GLU A 85 -6.24 18.94 35.17
N PRO A 86 -6.56 18.21 34.09
CA PRO A 86 -6.99 18.80 32.82
C PRO A 86 -8.37 19.44 32.96
N LYS A 87 -8.60 20.53 32.22
CA LYS A 87 -9.85 21.27 32.31
C LYS A 87 -10.99 20.40 31.78
N THR A 88 -11.81 19.88 32.69
CA THR A 88 -12.88 18.95 32.34
C THR A 88 -14.06 19.18 33.26
N THR A 89 -15.20 18.59 32.88
CA THR A 89 -16.40 18.53 33.71
C THR A 89 -16.84 17.08 33.79
N ALA A 90 -17.10 16.61 35.00
CA ALA A 90 -17.56 15.25 35.21
C ALA A 90 -19.04 15.24 35.57
N LEU A 91 -19.77 14.25 35.08
CA LEU A 91 -21.13 13.98 35.51
C LEU A 91 -21.07 12.65 36.26
N ILE A 92 -21.38 12.69 37.55
CA ILE A 92 -21.20 11.55 38.45
C ILE A 92 -22.58 11.11 38.93
N PHE A 93 -22.90 9.83 38.71
CA PHE A 93 -24.23 9.31 38.99
C PHE A 93 -24.19 8.35 40.17
N ALA A 94 -25.36 8.16 40.79
CA ALA A 94 -25.46 7.31 41.98
C ALA A 94 -25.19 5.85 41.66
N SER A 95 -25.34 5.45 40.40
CA SER A 95 -25.05 4.09 39.99
C SER A 95 -23.56 3.78 39.96
N GLY A 96 -22.70 4.79 40.14
CA GLY A 96 -21.27 4.62 40.00
C GLY A 96 -20.71 4.96 38.64
N LYS A 97 -21.56 5.15 37.64
CA LYS A 97 -21.10 5.52 36.31
C LYS A 97 -20.71 6.99 36.27
N MET A 98 -19.72 7.30 35.42
CA MET A 98 -19.23 8.68 35.31
C MET A 98 -19.02 9.05 33.85
N VAL A 99 -19.39 10.28 33.50
CA VAL A 99 -19.12 10.87 32.19
C VAL A 99 -18.10 11.98 32.38
N CYS A 100 -17.01 11.93 31.61
CA CYS A 100 -15.99 12.97 31.63
C CYS A 100 -15.99 13.71 30.30
N THR A 101 -16.13 15.03 30.35
CA THR A 101 -16.23 15.85 29.15
C THR A 101 -15.24 17.00 29.21
N GLY A 102 -14.83 17.48 28.04
CA GLY A 102 -14.12 18.74 27.91
C GLY A 102 -12.64 18.61 27.63
N ALA A 103 -12.07 17.41 27.71
CA ALA A 103 -10.64 17.25 27.54
C ALA A 103 -10.24 17.42 26.08
N LYS A 104 -8.95 17.66 25.87
CA LYS A 104 -8.40 17.94 24.55
C LYS A 104 -7.77 16.73 23.89
N SER A 105 -7.58 15.64 24.62
CA SER A 105 -6.98 14.44 24.09
C SER A 105 -7.54 13.24 24.84
N GLU A 106 -7.39 12.07 24.22
CA GLU A 106 -7.84 10.85 24.87
C GLU A 106 -7.13 10.65 26.20
N ASP A 107 -5.84 11.01 26.27
CA ASP A 107 -5.09 10.78 27.51
C ASP A 107 -5.40 11.84 28.56
N PHE A 108 -5.62 13.09 28.15
CA PHE A 108 -6.11 14.08 29.11
C PHE A 108 -7.46 13.67 29.67
N SER A 109 -8.31 13.04 28.84
CA SER A 109 -9.60 12.57 29.32
C SER A 109 -9.46 11.45 30.33
N LYS A 110 -8.47 10.56 30.15
CA LYS A 110 -8.24 9.49 31.11
C LYS A 110 -7.63 10.03 32.39
N MET A 111 -6.63 10.93 32.26
CA MET A 111 -6.04 11.55 33.44
C MET A 111 -7.08 12.29 34.26
N ALA A 112 -8.03 12.94 33.58
CA ALA A 112 -9.09 13.63 34.30
C ALA A 112 -10.02 12.64 35.00
N ALA A 113 -10.42 11.58 34.28
CA ALA A 113 -11.32 10.59 34.88
C ALA A 113 -10.70 9.95 36.12
N ARG A 114 -9.39 9.68 36.07
CA ARG A 114 -8.71 9.13 37.24
C ARG A 114 -8.69 10.12 38.40
N LYS A 115 -8.57 11.42 38.12
CA LYS A 115 -8.55 12.42 39.17
C LYS A 115 -9.90 12.52 39.87
N TYR A 116 -11.00 12.48 39.10
CA TYR A 116 -12.33 12.46 39.70
C TYR A 116 -12.53 11.19 40.53
N ALA A 117 -12.16 10.04 39.97
CA ALA A 117 -12.26 8.80 40.73
C ALA A 117 -11.44 8.84 42.01
N ARG A 118 -10.31 9.55 42.02
CA ARG A 118 -9.51 9.71 43.24
C ARG A 118 -10.20 10.63 44.24
N ILE A 119 -10.83 11.69 43.74
CA ILE A 119 -11.60 12.56 44.61
C ILE A 119 -12.73 11.78 45.26
N VAL A 120 -13.36 10.87 44.50
CA VAL A 120 -14.45 10.07 45.05
C VAL A 120 -13.92 9.10 46.11
N GLN A 121 -12.70 8.58 45.91
CA GLN A 121 -12.13 7.64 46.86
C GLN A 121 -11.76 8.31 48.18
N LYS A 122 -11.28 9.56 48.13
CA LYS A 122 -10.98 10.31 49.34
C LYS A 122 -12.21 10.83 50.06
N LEU A 123 -13.40 10.46 49.61
CA LEU A 123 -14.63 10.81 50.31
C LEU A 123 -15.25 9.60 51.01
N GLY A 124 -14.58 8.46 50.99
CA GLY A 124 -15.03 7.28 51.68
C GLY A 124 -15.62 6.20 50.81
N PHE A 125 -15.63 6.38 49.47
CA PHE A 125 -16.24 5.42 48.57
C PHE A 125 -15.17 4.56 47.89
N PRO A 126 -15.31 3.23 47.89
CA PRO A 126 -14.33 2.36 47.21
C PRO A 126 -14.53 2.36 45.69
N ALA A 127 -14.14 3.48 45.08
CA ALA A 127 -14.27 3.62 43.63
C ALA A 127 -13.11 2.94 42.92
N LYS A 128 -13.41 2.36 41.76
CA LYS A 128 -12.43 1.72 40.90
C LYS A 128 -12.43 2.41 39.53
N PHE A 129 -11.56 1.93 38.65
CA PHE A 129 -11.41 2.48 37.30
C PHE A 129 -11.69 1.36 36.30
N LYS A 130 -12.95 0.95 36.21
CA LYS A 130 -13.35 -0.19 35.38
C LYS A 130 -14.02 0.28 34.10
N ASP A 131 -13.54 -0.25 32.97
CA ASP A 131 -14.18 -0.06 31.67
C ASP A 131 -14.13 1.39 31.21
N PHE A 132 -12.97 2.02 31.36
CA PHE A 132 -12.77 3.33 30.77
C PHE A 132 -12.88 3.25 29.25
N LYS A 133 -13.58 4.21 28.66
CA LYS A 133 -13.89 4.14 27.24
C LYS A 133 -14.06 5.54 26.66
N ILE A 134 -13.33 5.82 25.58
CA ILE A 134 -13.56 7.03 24.80
C ILE A 134 -14.88 6.88 24.05
N GLN A 135 -15.80 7.81 24.28
CA GLN A 135 -17.13 7.70 23.70
C GLN A 135 -17.36 8.66 22.54
N ASN A 136 -16.66 9.79 22.49
CA ASN A 136 -16.86 10.77 21.44
C ASN A 136 -15.63 11.66 21.36
N ILE A 137 -15.20 11.93 20.13
CA ILE A 137 -14.08 12.82 19.86
C ILE A 137 -14.57 13.89 18.90
N VAL A 138 -14.35 15.16 19.25
CA VAL A 138 -14.74 16.30 18.42
C VAL A 138 -13.49 16.99 17.92
N GLY A 139 -13.40 17.20 16.60
CA GLY A 139 -12.28 17.89 16.02
C GLY A 139 -12.76 18.99 15.07
N SER A 140 -11.82 19.84 14.69
CA SER A 140 -12.13 20.90 13.74
C SER A 140 -10.87 21.23 12.95
N CYS A 141 -11.08 21.89 11.81
CA CYS A 141 -9.95 22.27 10.96
C CYS A 141 -10.48 23.26 9.93
N ASP A 142 -9.56 23.71 9.07
CA ASP A 142 -9.83 24.75 8.08
C ASP A 142 -9.11 24.37 6.79
N VAL A 143 -9.88 24.24 5.70
CA VAL A 143 -9.27 23.92 4.41
C VAL A 143 -8.75 25.16 3.70
N LYS A 144 -8.98 26.36 4.26
CA LYS A 144 -8.41 27.63 3.79
C LYS A 144 -8.97 28.10 2.45
N PHE A 145 -10.23 27.82 2.16
CA PHE A 145 -10.89 28.38 0.99
C PHE A 145 -12.40 28.32 1.21
N PRO A 146 -13.17 29.21 0.60
CA PRO A 146 -14.64 29.18 0.77
C PRO A 146 -15.26 28.01 0.01
N ILE A 147 -16.47 27.65 0.42
CA ILE A 147 -17.16 26.46 -0.07
C ILE A 147 -18.59 26.83 -0.44
N ARG A 148 -19.02 26.40 -1.64
CA ARG A 148 -20.41 26.58 -2.08
C ARG A 148 -21.24 25.47 -1.43
N LEU A 149 -21.82 25.78 -0.28
CA LEU A 149 -22.56 24.77 0.48
C LEU A 149 -23.76 24.26 -0.31
N GLU A 150 -24.40 25.14 -1.08
CA GLU A 150 -25.59 24.72 -1.81
C GLU A 150 -25.24 23.67 -2.87
N GLY A 151 -24.17 23.90 -3.62
CA GLY A 151 -23.74 22.91 -4.59
C GLY A 151 -23.40 21.57 -3.97
N LEU A 152 -22.72 21.60 -2.82
CA LEU A 152 -22.39 20.34 -2.14
C LEU A 152 -23.64 19.61 -1.70
N ALA A 153 -24.62 20.34 -1.15
CA ALA A 153 -25.87 19.70 -0.73
C ALA A 153 -26.60 19.11 -1.93
N TYR A 154 -26.62 19.83 -3.05
CA TYR A 154 -27.34 19.38 -4.24
C TYR A 154 -26.77 18.07 -4.76
N SER A 155 -25.45 18.01 -4.95
CA SER A 155 -24.81 16.84 -5.53
C SER A 155 -24.60 15.71 -4.54
N HIS A 156 -24.87 15.92 -3.26
CA HIS A 156 -24.79 14.89 -2.23
C HIS A 156 -26.04 14.91 -1.37
N ALA A 157 -27.19 14.84 -2.03
CA ALA A 157 -28.45 15.01 -1.32
C ALA A 157 -28.70 13.89 -0.31
N ALA A 158 -28.18 12.69 -0.56
CA ALA A 158 -28.43 11.59 0.36
C ALA A 158 -27.65 11.74 1.67
N PHE A 159 -26.53 12.46 1.66
CA PHE A 159 -25.69 12.62 2.84
C PHE A 159 -25.84 13.96 3.53
N SER A 160 -26.39 14.97 2.86
CA SER A 160 -26.30 16.35 3.31
C SER A 160 -27.65 16.87 3.77
N SER A 161 -27.62 17.70 4.81
CA SER A 161 -28.76 18.52 5.21
C SER A 161 -28.26 19.95 5.34
N TYR A 162 -28.86 20.86 4.56
CA TYR A 162 -28.41 22.25 4.53
C TYR A 162 -29.65 23.13 4.49
N GLU A 163 -29.94 23.78 5.62
CA GLU A 163 -31.02 24.76 5.71
C GLU A 163 -30.47 26.00 6.37
N PRO A 164 -29.99 26.97 5.58
CA PRO A 164 -29.31 28.14 6.15
C PRO A 164 -30.21 29.00 7.02
N GLU A 165 -31.52 29.01 6.78
CA GLU A 165 -32.41 29.79 7.63
C GLU A 165 -32.51 29.21 9.02
N LEU A 166 -32.10 27.96 9.22
CA LEU A 166 -32.12 27.30 10.52
C LEU A 166 -30.75 27.24 11.18
N PHE A 167 -29.71 26.90 10.40
CA PHE A 167 -28.32 26.77 10.85
C PHE A 167 -27.41 27.01 9.65
N PRO A 168 -26.38 27.85 9.78
CA PRO A 168 -25.57 28.23 8.62
C PRO A 168 -24.61 27.16 8.12
N GLY A 169 -24.49 26.03 8.81
CA GLY A 169 -23.60 24.97 8.39
C GLY A 169 -24.35 23.84 7.69
N LEU A 170 -23.68 23.25 6.70
CA LEU A 170 -24.18 22.03 6.08
C LEU A 170 -23.86 20.83 6.97
N ILE A 171 -24.83 19.94 7.13
CA ILE A 171 -24.69 18.75 7.96
C ILE A 171 -24.41 17.56 7.03
N TYR A 172 -23.20 17.00 7.12
CA TYR A 172 -22.77 15.88 6.29
C TYR A 172 -22.66 14.62 7.14
N ARG A 173 -23.53 13.64 6.87
CA ARG A 173 -23.54 12.36 7.58
C ARG A 173 -22.77 11.35 6.74
N MET A 174 -21.49 11.20 7.05
CA MET A 174 -20.63 10.25 6.34
C MET A 174 -20.89 8.84 6.84
N LYS A 175 -20.96 7.88 5.91
CA LYS A 175 -21.29 6.51 6.26
C LYS A 175 -20.05 5.69 6.64
N VAL A 176 -18.95 5.88 5.93
CA VAL A 176 -17.71 5.15 6.21
C VAL A 176 -16.56 6.16 6.29
N PRO A 177 -16.04 6.46 7.49
CA PRO A 177 -16.60 5.97 8.76
C PRO A 177 -17.88 6.70 9.13
N LYS A 178 -18.62 6.17 10.10
CA LYS A 178 -19.86 6.81 10.53
C LYS A 178 -19.53 8.08 11.31
N ILE A 179 -19.45 9.20 10.61
CA ILE A 179 -18.98 10.46 11.17
C ILE A 179 -19.86 11.59 10.63
N VAL A 180 -20.17 12.56 11.49
CA VAL A 180 -20.91 13.75 11.06
C VAL A 180 -19.94 14.91 10.95
N LEU A 181 -20.03 15.63 9.84
CA LEU A 181 -19.22 16.82 9.61
C LEU A 181 -20.14 18.03 9.47
N LEU A 182 -19.78 19.12 10.13
CA LEU A 182 -20.45 20.41 9.95
C LEU A 182 -19.54 21.28 9.09
N ILE A 183 -20.00 21.62 7.90
CA ILE A 183 -19.20 22.31 6.89
C ILE A 183 -19.78 23.70 6.68
N PHE A 184 -18.91 24.71 6.72
CA PHE A 184 -19.33 26.10 6.68
C PHE A 184 -18.77 26.80 5.44
N VAL A 185 -19.41 27.92 5.07
CA VAL A 185 -18.99 28.67 3.89
C VAL A 185 -17.56 29.14 4.02
N SER A 186 -17.15 29.51 5.23
CA SER A 186 -15.78 29.99 5.47
C SER A 186 -14.72 28.95 5.16
N GLY A 187 -15.09 27.68 5.05
CA GLY A 187 -14.12 26.62 4.91
C GLY A 187 -13.73 25.94 6.20
N LYS A 188 -14.23 26.40 7.34
CA LYS A 188 -14.02 25.69 8.59
C LYS A 188 -14.96 24.49 8.67
N ILE A 189 -14.49 23.44 9.35
CA ILE A 189 -15.17 22.16 9.43
C ILE A 189 -15.18 21.69 10.88
N VAL A 190 -16.30 21.10 11.31
CA VAL A 190 -16.39 20.41 12.59
C VAL A 190 -16.61 18.93 12.30
N ILE A 191 -15.87 18.07 12.98
CA ILE A 191 -15.87 16.64 12.76
C ILE A 191 -16.16 15.97 14.09
N THR A 192 -17.31 15.30 14.21
CA THR A 192 -17.74 14.78 15.50
C THR A 192 -18.27 13.36 15.33
N GLY A 193 -18.25 12.61 16.44
CA GLY A 193 -18.81 11.28 16.46
C GLY A 193 -17.81 10.13 16.47
N ALA A 194 -16.52 10.42 16.42
CA ALA A 194 -15.51 9.37 16.42
C ALA A 194 -15.27 8.84 17.83
N LYS A 195 -14.91 7.56 17.90
CA LYS A 195 -14.39 6.97 19.12
C LYS A 195 -12.89 6.70 19.06
N MET A 196 -12.30 6.77 17.87
CA MET A 196 -10.85 6.73 17.70
C MET A 196 -10.45 7.90 16.82
N ARG A 197 -9.33 8.54 17.13
CA ARG A 197 -8.95 9.73 16.40
C ARG A 197 -8.71 9.44 14.92
N ASP A 198 -8.26 8.23 14.60
CA ASP A 198 -8.07 7.86 13.19
C ASP A 198 -9.37 8.00 12.40
N GLU A 199 -10.52 7.82 13.04
CA GLU A 199 -11.80 8.03 12.37
C GLU A 199 -12.05 9.51 12.10
N THR A 200 -11.61 10.39 13.01
CA THR A 200 -11.66 11.83 12.75
C THR A 200 -10.83 12.19 11.53
N TYR A 201 -9.61 11.66 11.47
CA TYR A 201 -8.71 11.99 10.37
C TYR A 201 -9.22 11.41 9.05
N LYS A 202 -9.69 10.16 9.08
CA LYS A 202 -10.16 9.51 7.87
C LYS A 202 -11.38 10.21 7.29
N ALA A 203 -12.30 10.66 8.15
CA ALA A 203 -13.46 11.38 7.66
C ALA A 203 -13.05 12.68 6.97
N PHE A 204 -12.11 13.41 7.56
CA PHE A 204 -11.66 14.65 6.93
C PHE A 204 -10.94 14.36 5.61
N GLU A 205 -10.15 13.28 5.55
CA GLU A 205 -9.45 12.97 4.31
C GLU A 205 -10.42 12.53 3.23
N ASN A 206 -11.51 11.85 3.61
CA ASN A 206 -12.53 11.49 2.64
C ASN A 206 -13.21 12.72 2.05
N ILE A 207 -13.52 13.72 2.89
CA ILE A 207 -14.32 14.84 2.42
C ILE A 207 -13.50 15.92 1.73
N TYR A 208 -12.19 15.98 1.99
CA TYR A 208 -11.38 17.08 1.48
C TYR A 208 -11.43 17.21 -0.05
N PRO A 209 -11.21 16.16 -0.85
CA PRO A 209 -11.33 16.32 -2.30
C PRO A 209 -12.76 16.62 -2.76
N VAL A 210 -13.77 16.31 -1.95
CA VAL A 210 -15.12 16.74 -2.30
C VAL A 210 -15.24 18.26 -2.12
N LEU A 211 -14.74 18.77 -0.99
CA LEU A 211 -14.79 20.21 -0.72
C LEU A 211 -14.05 21.01 -1.79
N SER A 212 -12.93 20.48 -2.27
CA SER A 212 -12.17 21.19 -3.29
C SER A 212 -12.96 21.33 -4.58
N GLU A 213 -13.84 20.38 -4.87
CA GLU A 213 -14.72 20.44 -6.03
C GLU A 213 -15.78 21.52 -5.91
N PHE A 214 -15.99 22.09 -4.72
CA PHE A 214 -17.03 23.08 -4.50
C PHE A 214 -16.47 24.33 -3.84
N ARG A 215 -15.25 24.72 -4.24
CA ARG A 215 -14.70 25.99 -3.81
C ARG A 215 -15.50 27.14 -4.41
N LYS A 216 -15.62 28.23 -3.66
CA LYS A 216 -16.33 29.42 -4.12
C LYS A 216 -15.36 30.40 -4.76
N ILE A 217 -15.82 31.09 -5.81
CA ILE A 217 -15.02 32.07 -6.52
C ILE A 217 -14.63 33.24 -5.61
N VAL D 31 -50.05 -12.50 49.68
CA VAL D 31 -49.28 -13.72 49.46
C VAL D 31 -50.20 -14.94 49.58
N ASP D 32 -50.29 -15.72 48.50
CA ASP D 32 -51.17 -16.88 48.47
C ASP D 32 -50.36 -18.12 48.91
N LEU D 33 -50.75 -18.69 50.04
CA LEU D 33 -50.00 -19.81 50.61
C LEU D 33 -50.28 -21.12 49.87
N SER D 34 -51.23 -21.14 48.93
CA SER D 34 -51.44 -22.33 48.11
C SER D 34 -50.27 -22.58 47.16
N LYS D 35 -49.49 -21.54 46.86
CA LYS D 35 -48.29 -21.66 46.05
C LYS D 35 -47.01 -21.59 46.88
N HIS D 36 -46.97 -20.73 47.89
CA HIS D 36 -45.80 -20.55 48.75
C HIS D 36 -46.20 -20.79 50.20
N PRO D 37 -46.25 -22.06 50.63
CA PRO D 37 -46.61 -22.33 52.04
C PRO D 37 -45.65 -21.74 53.04
N SER D 38 -44.41 -21.42 52.63
CA SER D 38 -43.46 -20.78 53.53
C SER D 38 -43.83 -19.34 53.86
N GLY D 39 -44.68 -18.71 53.05
CA GLY D 39 -44.94 -17.30 53.20
C GLY D 39 -43.88 -16.39 52.64
N ILE D 40 -42.90 -16.93 51.92
CA ILE D 40 -41.83 -16.15 51.30
C ILE D 40 -41.83 -16.46 49.82
N VAL D 41 -41.72 -15.42 49.01
CA VAL D 41 -41.68 -15.52 47.54
C VAL D 41 -40.32 -15.06 47.09
N PRO D 42 -39.47 -15.92 46.54
CA PRO D 42 -38.16 -15.47 46.05
C PRO D 42 -38.32 -14.42 44.96
N THR D 43 -37.48 -13.40 45.03
CA THR D 43 -37.50 -12.30 44.07
C THR D 43 -36.64 -12.67 42.86
N LEU D 44 -37.23 -12.55 41.67
CA LEU D 44 -36.47 -12.82 40.45
C LEU D 44 -35.47 -11.69 40.23
N GLN D 45 -34.23 -12.06 39.94
CA GLN D 45 -33.13 -11.11 39.84
C GLN D 45 -32.47 -11.06 38.47
N ASN D 46 -32.55 -12.15 37.71
CA ASN D 46 -31.86 -12.22 36.44
C ASN D 46 -32.56 -13.27 35.61
N ILE D 47 -32.72 -12.97 34.33
CA ILE D 47 -33.29 -13.90 33.36
C ILE D 47 -32.32 -13.98 32.20
N VAL D 48 -32.08 -15.20 31.72
CA VAL D 48 -31.33 -15.42 30.48
C VAL D 48 -32.28 -16.07 29.48
N SER D 49 -32.34 -15.51 28.29
CA SER D 49 -33.16 -16.07 27.22
C SER D 49 -32.37 -16.06 25.93
N THR D 50 -32.82 -16.88 24.97
CA THR D 50 -32.20 -16.98 23.66
C THR D 50 -33.25 -16.81 22.58
N VAL D 51 -32.77 -16.53 21.37
CA VAL D 51 -33.61 -16.18 20.24
C VAL D 51 -32.80 -16.40 18.97
N ASN D 52 -33.44 -16.97 17.96
CA ASN D 52 -32.82 -17.22 16.67
C ASN D 52 -33.40 -16.23 15.67
N LEU D 53 -32.55 -15.36 15.15
CA LEU D 53 -32.99 -14.37 14.17
C LEU D 53 -33.06 -14.92 12.75
N ASP D 54 -32.79 -16.22 12.56
CA ASP D 54 -32.93 -16.93 11.29
C ASP D 54 -31.91 -16.47 10.25
N CYS D 55 -31.72 -15.15 10.11
CA CYS D 55 -30.81 -14.62 9.10
C CYS D 55 -29.40 -14.47 9.66
N LYS D 56 -28.42 -14.46 8.75
CA LYS D 56 -27.04 -14.27 9.15
C LYS D 56 -26.70 -12.77 9.19
N LEU D 57 -25.85 -12.39 10.16
CA LEU D 57 -25.56 -11.00 10.45
C LEU D 57 -24.09 -10.65 10.18
N ASP D 58 -23.85 -9.36 9.96
CA ASP D 58 -22.52 -8.81 9.75
C ASP D 58 -22.16 -8.06 11.03
N LEU D 59 -21.40 -8.71 11.91
CA LEU D 59 -21.18 -8.15 13.23
C LEU D 59 -20.37 -6.86 13.18
N LYS D 60 -19.48 -6.70 12.21
CA LYS D 60 -18.74 -5.44 12.14
C LYS D 60 -19.67 -4.30 11.74
N ALA D 61 -20.56 -4.52 10.77
CA ALA D 61 -21.47 -3.45 10.35
C ALA D 61 -22.37 -2.99 11.49
N ILE D 62 -22.88 -3.94 12.28
CA ILE D 62 -23.72 -3.58 13.42
C ILE D 62 -22.94 -2.71 14.40
N ALA D 63 -21.71 -3.11 14.71
CA ALA D 63 -20.87 -2.34 15.61
C ALA D 63 -20.56 -0.95 15.06
N LEU D 64 -20.53 -0.80 13.74
CA LEU D 64 -20.33 0.53 13.15
C LEU D 64 -21.54 1.43 13.41
N GLN D 65 -22.74 0.94 13.08
CA GLN D 65 -23.92 1.79 13.07
C GLN D 65 -24.64 1.84 14.41
N ALA D 66 -24.69 0.73 15.14
CA ALA D 66 -25.43 0.71 16.40
C ALA D 66 -24.76 1.63 17.42
N ARG D 67 -25.59 2.24 18.27
CA ARG D 67 -25.09 3.22 19.23
C ARG D 67 -24.46 2.53 20.43
N ASN D 68 -25.28 1.89 21.26
CA ASN D 68 -24.81 1.27 22.51
C ASN D 68 -24.38 -0.17 22.24
N ALA D 69 -23.28 -0.30 21.51
CA ALA D 69 -22.81 -1.60 21.06
C ALA D 69 -21.29 -1.66 21.09
N GLU D 70 -20.75 -2.82 21.46
CA GLU D 70 -19.31 -3.05 21.53
C GLU D 70 -18.97 -4.36 20.84
N TYR D 71 -17.81 -4.41 20.20
CA TYR D 71 -17.43 -5.59 19.44
C TYR D 71 -15.92 -5.66 19.32
N ASN D 72 -15.33 -6.74 19.85
CA ASN D 72 -13.92 -7.03 19.65
C ASN D 72 -13.79 -8.50 19.27
N PRO D 73 -13.73 -8.82 17.98
CA PRO D 73 -13.73 -10.23 17.56
C PRO D 73 -12.52 -11.01 18.03
N LYS D 74 -11.45 -10.35 18.48
CA LYS D 74 -10.28 -11.05 18.99
C LYS D 74 -10.46 -11.52 20.43
N ARG D 75 -11.37 -10.90 21.18
CA ARG D 75 -11.70 -11.34 22.53
C ARG D 75 -12.90 -12.26 22.57
N PHE D 76 -13.95 -11.93 21.81
CA PHE D 76 -15.21 -12.66 21.85
C PHE D 76 -15.94 -12.44 20.53
N ALA D 77 -16.48 -13.50 19.96
CA ALA D 77 -17.11 -13.44 18.63
C ALA D 77 -18.58 -13.04 18.65
N ALA D 78 -18.88 -11.90 19.27
CA ALA D 78 -20.25 -11.44 19.33
C ALA D 78 -20.29 -9.93 19.50
N VAL D 79 -21.36 -9.32 19.02
CA VAL D 79 -21.68 -7.94 19.34
C VAL D 79 -22.39 -7.90 20.68
N ILE D 80 -21.91 -7.07 21.59
CA ILE D 80 -22.52 -6.88 22.89
C ILE D 80 -23.29 -5.55 22.85
N MET D 81 -24.60 -5.63 23.00
CA MET D 81 -25.48 -4.47 22.92
C MET D 81 -26.27 -4.34 24.21
N ARG D 82 -26.61 -3.10 24.55
CA ARG D 82 -27.38 -2.80 25.75
C ARG D 82 -28.44 -1.78 25.44
N ILE D 83 -29.55 -1.85 26.18
CA ILE D 83 -30.61 -0.86 26.10
C ILE D 83 -31.02 -0.47 27.51
N ARG D 84 -31.77 0.63 27.61
CA ARG D 84 -32.15 1.17 28.91
C ARG D 84 -33.37 0.48 29.49
N GLU D 85 -34.37 0.21 28.65
CA GLU D 85 -35.66 -0.29 29.12
C GLU D 85 -36.13 -1.41 28.21
N PRO D 86 -36.23 -2.66 28.71
CA PRO D 86 -35.77 -3.04 30.06
C PRO D 86 -34.25 -3.14 30.11
N LYS D 87 -33.66 -2.82 31.26
CA LYS D 87 -32.22 -2.85 31.42
C LYS D 87 -31.69 -4.26 31.15
N THR D 88 -31.04 -4.44 30.00
CA THR D 88 -30.57 -5.76 29.58
C THR D 88 -29.30 -5.60 28.76
N THR D 89 -28.62 -6.74 28.55
CA THR D 89 -27.43 -6.85 27.73
C THR D 89 -27.65 -7.99 26.74
N ALA D 90 -27.45 -7.72 25.47
CA ALA D 90 -27.62 -8.73 24.43
C ALA D 90 -26.25 -9.18 23.90
N LEU D 91 -26.14 -10.47 23.63
CA LEU D 91 -25.00 -11.02 22.90
C LEU D 91 -25.51 -11.48 21.55
N ILE D 92 -25.02 -10.86 20.48
CA ILE D 92 -25.51 -11.12 19.13
C ILE D 92 -24.37 -11.70 18.32
N PHE D 93 -24.62 -12.86 17.72
CA PHE D 93 -23.60 -13.62 17.01
C PHE D 93 -23.89 -13.60 15.51
N ALA D 94 -22.82 -13.81 14.73
CA ALA D 94 -22.95 -13.74 13.28
C ALA D 94 -23.91 -14.79 12.75
N SER D 95 -24.08 -15.89 13.48
CA SER D 95 -24.95 -16.99 13.09
C SER D 95 -26.43 -16.63 13.17
N GLY D 96 -26.79 -15.50 13.78
CA GLY D 96 -28.17 -15.13 13.99
C GLY D 96 -28.70 -15.43 15.38
N LYS D 97 -28.04 -16.31 16.13
CA LYS D 97 -28.45 -16.56 17.50
C LYS D 97 -28.16 -15.34 18.37
N MET D 98 -28.93 -15.19 19.44
CA MET D 98 -28.75 -14.05 20.33
C MET D 98 -29.09 -14.46 21.76
N VAL D 99 -28.28 -14.00 22.71
CA VAL D 99 -28.53 -14.19 24.13
C VAL D 99 -28.95 -12.86 24.72
N CYS D 100 -30.07 -12.86 25.46
CA CYS D 100 -30.50 -11.70 26.21
C CYS D 100 -30.33 -11.98 27.70
N THR D 101 -29.72 -11.03 28.42
CA THR D 101 -29.45 -11.21 29.84
C THR D 101 -29.80 -9.93 30.59
N GLY D 102 -30.05 -10.09 31.89
CA GLY D 102 -30.19 -8.97 32.78
C GLY D 102 -31.61 -8.61 33.20
N ALA D 103 -32.62 -9.13 32.50
CA ALA D 103 -33.99 -8.75 32.81
C ALA D 103 -34.45 -9.32 34.14
N LYS D 104 -35.47 -8.68 34.73
CA LYS D 104 -35.98 -9.07 36.03
C LYS D 104 -37.20 -9.98 35.95
N SER D 105 -37.72 -10.22 34.74
CA SER D 105 -38.85 -11.13 34.57
C SER D 105 -38.78 -11.75 33.19
N GLU D 106 -39.57 -12.82 33.00
CA GLU D 106 -39.61 -13.50 31.70
C GLU D 106 -40.23 -12.60 30.63
N ASP D 107 -41.23 -11.82 31.01
CA ASP D 107 -41.86 -10.90 30.07
C ASP D 107 -40.90 -9.79 29.67
N PHE D 108 -40.20 -9.19 30.64
CA PHE D 108 -39.22 -8.16 30.32
C PHE D 108 -38.13 -8.71 29.40
N SER D 109 -37.68 -9.94 29.64
CA SER D 109 -36.64 -10.52 28.81
C SER D 109 -37.11 -10.67 27.36
N LYS D 110 -38.35 -11.10 27.17
CA LYS D 110 -38.91 -11.21 25.82
C LYS D 110 -39.10 -9.83 25.19
N MET D 111 -39.56 -8.87 25.98
CA MET D 111 -39.67 -7.49 25.51
C MET D 111 -38.32 -6.97 25.03
N ALA D 112 -37.28 -7.16 25.85
CA ALA D 112 -35.95 -6.72 25.46
C ALA D 112 -35.48 -7.46 24.21
N ALA D 113 -35.69 -8.78 24.16
CA ALA D 113 -35.22 -9.57 23.03
C ALA D 113 -35.84 -9.10 21.72
N ARG D 114 -37.14 -8.81 21.72
CA ARG D 114 -37.76 -8.32 20.49
C ARG D 114 -37.30 -6.91 20.16
N LYS D 115 -36.97 -6.10 21.16
CA LYS D 115 -36.40 -4.78 20.89
C LYS D 115 -35.03 -4.91 20.22
N TYR D 116 -34.18 -5.84 20.67
CA TYR D 116 -32.90 -6.06 20.02
C TYR D 116 -33.10 -6.55 18.59
N ALA D 117 -34.09 -7.43 18.38
CA ALA D 117 -34.37 -7.90 17.04
C ALA D 117 -34.79 -6.76 16.11
N ARG D 118 -35.53 -5.78 16.65
CA ARG D 118 -35.97 -4.68 15.81
C ARG D 118 -34.84 -3.70 15.52
N ILE D 119 -33.93 -3.48 16.48
CA ILE D 119 -32.74 -2.70 16.17
C ILE D 119 -31.96 -3.35 15.03
N VAL D 120 -31.84 -4.68 15.05
CA VAL D 120 -31.14 -5.38 13.98
C VAL D 120 -31.91 -5.29 12.67
N GLN D 121 -33.24 -5.33 12.74
CA GLN D 121 -34.05 -5.21 11.54
C GLN D 121 -33.83 -3.86 10.86
N LYS D 122 -33.83 -2.78 11.64
CA LYS D 122 -33.69 -1.43 11.08
C LYS D 122 -32.25 -1.08 10.73
N LEU D 123 -31.35 -2.06 10.71
CA LEU D 123 -30.01 -1.87 10.19
C LEU D 123 -29.83 -2.56 8.85
N GLY D 124 -30.89 -3.08 8.26
CA GLY D 124 -30.83 -3.73 6.97
C GLY D 124 -30.79 -5.24 7.00
N PHE D 125 -31.14 -5.87 8.12
CA PHE D 125 -31.09 -7.32 8.23
C PHE D 125 -32.49 -7.89 8.38
N PRO D 126 -32.84 -8.94 7.63
CA PRO D 126 -34.19 -9.54 7.76
C PRO D 126 -34.30 -10.44 8.98
N ALA D 127 -34.31 -9.82 10.15
CA ALA D 127 -34.35 -10.57 11.42
C ALA D 127 -35.78 -10.97 11.75
N LYS D 128 -35.92 -12.18 12.30
CA LYS D 128 -37.18 -12.69 12.79
C LYS D 128 -37.00 -13.21 14.22
N PHE D 129 -38.12 -13.49 14.88
CA PHE D 129 -38.14 -13.87 16.29
C PHE D 129 -38.49 -15.35 16.39
N LYS D 130 -37.51 -16.21 16.17
CA LYS D 130 -37.73 -17.65 16.11
C LYS D 130 -37.19 -18.34 17.35
N ASP D 131 -38.03 -19.17 17.97
CA ASP D 131 -37.63 -20.08 19.04
C ASP D 131 -37.16 -19.33 20.28
N PHE D 132 -37.91 -18.30 20.67
CA PHE D 132 -37.60 -17.62 21.92
C PHE D 132 -37.76 -18.59 23.09
N LYS D 133 -36.75 -18.64 23.95
CA LYS D 133 -36.73 -19.59 25.06
C LYS D 133 -36.10 -18.95 26.28
N ILE D 134 -36.77 -19.08 27.42
CA ILE D 134 -36.17 -18.74 28.72
C ILE D 134 -35.19 -19.84 29.08
N GLN D 135 -33.91 -19.48 29.26
CA GLN D 135 -32.88 -20.47 29.48
C GLN D 135 -32.45 -20.60 30.93
N ASN D 136 -32.56 -19.53 31.73
CA ASN D 136 -32.13 -19.56 33.12
C ASN D 136 -32.83 -18.44 33.87
N ILE D 137 -33.33 -18.76 35.06
CA ILE D 137 -33.97 -17.79 35.95
C ILE D 137 -33.23 -17.81 37.27
N VAL D 138 -32.81 -16.64 37.74
CA VAL D 138 -32.08 -16.52 38.99
C VAL D 138 -32.96 -15.76 39.96
N GLY D 139 -33.20 -16.35 41.14
CA GLY D 139 -33.99 -15.73 42.17
C GLY D 139 -33.19 -15.66 43.47
N SER D 140 -33.69 -14.85 44.40
CA SER D 140 -33.02 -14.69 45.69
C SER D 140 -34.05 -14.35 46.74
N CYS D 141 -33.75 -14.71 47.98
CA CYS D 141 -34.69 -14.47 49.07
C CYS D 141 -33.93 -14.50 50.39
N ASP D 142 -34.65 -14.14 51.45
CA ASP D 142 -34.09 -13.97 52.79
C ASP D 142 -35.04 -14.67 53.76
N VAL D 143 -34.57 -15.75 54.40
CA VAL D 143 -35.39 -16.40 55.42
C VAL D 143 -35.30 -15.70 56.75
N LYS D 144 -34.36 -14.76 56.90
CA LYS D 144 -34.30 -13.85 58.06
C LYS D 144 -33.98 -14.61 59.35
N PHE D 145 -33.15 -15.64 59.25
CA PHE D 145 -32.52 -16.24 60.43
C PHE D 145 -31.21 -16.86 60.00
N PRO D 146 -30.24 -16.98 60.90
CA PRO D 146 -28.93 -17.52 60.50
C PRO D 146 -28.98 -19.03 60.31
N ILE D 147 -28.01 -19.54 59.56
CA ILE D 147 -27.99 -20.94 59.17
C ILE D 147 -26.65 -21.57 59.57
N ARG D 148 -26.72 -22.77 60.13
CA ARG D 148 -25.53 -23.58 60.41
C ARG D 148 -25.15 -24.33 59.15
N LEU D 149 -24.32 -23.71 58.33
CA LEU D 149 -23.97 -24.32 57.05
C LEU D 149 -23.28 -25.66 57.25
N GLU D 150 -22.34 -25.73 58.20
CA GLU D 150 -21.58 -26.95 58.42
C GLU D 150 -22.51 -28.12 58.75
N GLY D 151 -23.42 -27.92 59.70
CA GLY D 151 -24.39 -28.96 60.01
C GLY D 151 -25.22 -29.35 58.80
N LEU D 152 -25.65 -28.36 58.00
CA LEU D 152 -26.41 -28.66 56.79
C LEU D 152 -25.61 -29.53 55.83
N ALA D 153 -24.35 -29.15 55.59
CA ALA D 153 -23.54 -29.89 54.61
C ALA D 153 -23.30 -31.33 55.07
N TYR D 154 -22.97 -31.51 56.35
CA TYR D 154 -22.71 -32.85 56.88
C TYR D 154 -23.91 -33.77 56.72
N SER D 155 -25.11 -33.26 57.00
CA SER D 155 -26.33 -34.06 56.89
C SER D 155 -26.80 -34.24 55.45
N HIS D 156 -26.23 -33.51 54.49
CA HIS D 156 -26.57 -33.62 53.08
C HIS D 156 -25.30 -33.64 52.24
N ALA D 157 -24.38 -34.54 52.58
CA ALA D 157 -23.07 -34.54 51.94
C ALA D 157 -23.16 -34.88 50.46
N ALA D 158 -24.14 -35.69 50.06
CA ALA D 158 -24.30 -36.02 48.64
C ALA D 158 -24.80 -34.83 47.83
N PHE D 159 -25.45 -33.86 48.47
CA PHE D 159 -26.04 -32.72 47.77
C PHE D 159 -25.24 -31.44 47.91
N SER D 160 -24.32 -31.37 48.87
CA SER D 160 -23.75 -30.10 49.31
C SER D 160 -22.24 -30.07 49.09
N SER D 161 -21.75 -28.91 48.68
CA SER D 161 -20.34 -28.56 48.69
C SER D 161 -20.19 -27.30 49.52
N TYR D 162 -19.44 -27.39 50.61
CA TYR D 162 -19.22 -26.26 51.52
C TYR D 162 -17.73 -26.13 51.81
N GLU D 163 -17.07 -25.19 51.13
CA GLU D 163 -15.66 -24.89 51.34
C GLU D 163 -15.52 -23.43 51.77
N PRO D 164 -15.71 -23.15 53.07
CA PRO D 164 -15.71 -21.73 53.52
C PRO D 164 -14.44 -20.99 53.15
N GLU D 165 -13.30 -21.66 53.12
CA GLU D 165 -12.05 -21.00 52.77
C GLU D 165 -12.00 -20.62 51.29
N LEU D 166 -12.83 -21.27 50.46
CA LEU D 166 -12.90 -20.97 49.03
C LEU D 166 -14.06 -20.03 48.68
N PHE D 167 -15.23 -20.25 49.29
CA PHE D 167 -16.45 -19.48 49.00
C PHE D 167 -17.34 -19.54 50.23
N PRO D 168 -17.86 -18.40 50.71
CA PRO D 168 -18.59 -18.42 51.98
C PRO D 168 -19.94 -19.12 51.92
N GLY D 169 -20.50 -19.37 50.74
CA GLY D 169 -21.80 -19.98 50.64
C GLY D 169 -21.74 -21.49 50.46
N LEU D 170 -22.76 -22.17 50.99
CA LEU D 170 -22.93 -23.59 50.72
C LEU D 170 -23.64 -23.75 49.39
N ILE D 171 -23.10 -24.63 48.53
CA ILE D 171 -23.71 -24.95 47.25
C ILE D 171 -24.54 -26.21 47.42
N TYR D 172 -25.84 -26.09 47.16
CA TYR D 172 -26.79 -27.20 47.31
C TYR D 172 -27.34 -27.55 45.94
N ARG D 173 -26.98 -28.72 45.43
CA ARG D 173 -27.47 -29.17 44.14
C ARG D 173 -28.71 -30.02 44.37
N MET D 174 -29.88 -29.41 44.23
CA MET D 174 -31.14 -30.11 44.45
C MET D 174 -31.47 -30.99 43.25
N LYS D 175 -32.09 -32.13 43.53
CA LYS D 175 -32.35 -33.12 42.50
C LYS D 175 -33.71 -32.91 41.82
N VAL D 176 -34.76 -32.61 42.60
CA VAL D 176 -36.10 -32.41 42.09
C VAL D 176 -36.66 -31.15 42.73
N PRO D 177 -36.74 -30.02 42.01
CA PRO D 177 -36.25 -29.96 40.62
C PRO D 177 -34.73 -29.79 40.57
N LYS D 178 -34.14 -30.02 39.40
CA LYS D 178 -32.71 -29.88 39.23
C LYS D 178 -32.31 -28.41 39.36
N ILE D 179 -32.03 -27.98 40.58
CA ILE D 179 -31.83 -26.58 40.91
C ILE D 179 -30.63 -26.47 41.84
N VAL D 180 -29.80 -25.45 41.64
CA VAL D 180 -28.67 -25.17 42.50
C VAL D 180 -29.00 -24.00 43.40
N LEU D 181 -28.79 -24.17 44.70
CA LEU D 181 -29.05 -23.14 45.69
C LEU D 181 -27.73 -22.74 46.35
N LEU D 182 -27.51 -21.43 46.49
CA LEU D 182 -26.40 -20.91 47.28
C LEU D 182 -26.98 -20.43 48.61
N ILE D 183 -26.52 -21.04 49.70
CA ILE D 183 -27.07 -20.81 51.04
C ILE D 183 -25.98 -20.19 51.90
N PHE D 184 -26.32 -19.08 52.55
CA PHE D 184 -25.35 -18.29 53.29
C PHE D 184 -25.74 -18.23 54.76
N VAL D 185 -24.72 -18.07 55.62
CA VAL D 185 -24.94 -18.00 57.07
C VAL D 185 -26.01 -16.96 57.39
N SER D 186 -26.04 -15.87 56.62
CA SER D 186 -26.99 -14.78 56.86
C SER D 186 -28.44 -15.20 56.71
N GLY D 187 -28.71 -16.34 56.09
CA GLY D 187 -30.07 -16.69 55.75
C GLY D 187 -30.53 -16.19 54.39
N LYS D 188 -29.69 -15.45 53.67
CA LYS D 188 -29.96 -15.11 52.29
C LYS D 188 -29.69 -16.32 51.41
N ILE D 189 -30.54 -16.52 50.41
CA ILE D 189 -30.50 -17.68 49.53
C ILE D 189 -30.49 -17.21 48.09
N VAL D 190 -29.66 -17.83 47.27
CA VAL D 190 -29.70 -17.67 45.83
C VAL D 190 -30.20 -18.98 45.24
N ILE D 191 -31.11 -18.88 44.27
CA ILE D 191 -31.71 -20.04 43.63
C ILE D 191 -31.50 -19.86 42.12
N THR D 192 -30.78 -20.78 41.50
CA THR D 192 -30.45 -20.60 40.10
C THR D 192 -30.56 -21.94 39.35
N GLY D 193 -30.74 -21.83 38.03
CA GLY D 193 -30.83 -22.99 37.15
C GLY D 193 -32.21 -23.29 36.62
N ALA D 194 -33.24 -22.56 37.04
CA ALA D 194 -34.60 -22.88 36.62
C ALA D 194 -34.88 -22.31 35.24
N LYS D 195 -35.68 -23.05 34.47
CA LYS D 195 -36.22 -22.54 33.22
C LYS D 195 -37.67 -22.06 33.37
N MET D 196 -38.32 -22.41 34.47
CA MET D 196 -39.63 -21.89 34.82
C MET D 196 -39.58 -21.36 36.25
N ARG D 197 -40.33 -20.29 36.51
CA ARG D 197 -40.32 -19.73 37.86
C ARG D 197 -40.90 -20.69 38.89
N ASP D 198 -41.80 -21.58 38.47
CA ASP D 198 -42.32 -22.58 39.40
C ASP D 198 -41.21 -23.47 39.95
N GLU D 199 -40.16 -23.70 39.17
CA GLU D 199 -39.03 -24.48 39.67
C GLU D 199 -38.24 -23.70 40.71
N THR D 200 -38.11 -22.38 40.52
CA THR D 200 -37.51 -21.53 41.54
C THR D 200 -38.29 -21.61 42.85
N TYR D 201 -39.62 -21.51 42.77
CA TYR D 201 -40.44 -21.52 43.97
C TYR D 201 -40.40 -22.87 44.66
N LYS D 202 -40.55 -23.95 43.90
CA LYS D 202 -40.55 -25.30 44.46
C LYS D 202 -39.21 -25.63 45.10
N ALA D 203 -38.12 -25.15 44.50
CA ALA D 203 -36.80 -25.38 45.08
C ALA D 203 -36.70 -24.73 46.46
N PHE D 204 -37.20 -23.50 46.58
CA PHE D 204 -37.15 -22.81 47.87
C PHE D 204 -38.07 -23.47 48.89
N GLU D 205 -39.26 -23.89 48.47
CA GLU D 205 -40.18 -24.52 49.42
C GLU D 205 -39.64 -25.86 49.90
N ASN D 206 -38.95 -26.59 49.03
CA ASN D 206 -38.32 -27.84 49.44
C ASN D 206 -37.22 -27.61 50.47
N ILE D 207 -36.45 -26.54 50.30
CA ILE D 207 -35.29 -26.32 51.17
C ILE D 207 -35.64 -25.59 52.46
N TYR D 208 -36.78 -24.90 52.51
CA TYR D 208 -37.10 -24.09 53.68
C TYR D 208 -37.17 -24.89 54.97
N PRO D 209 -37.81 -26.08 55.03
CA PRO D 209 -37.75 -26.85 56.28
C PRO D 209 -36.37 -27.34 56.61
N VAL D 210 -35.51 -27.56 55.61
CA VAL D 210 -34.13 -27.95 55.87
C VAL D 210 -33.37 -26.78 56.49
N LEU D 211 -33.55 -25.57 55.95
CA LEU D 211 -32.93 -24.38 56.54
C LEU D 211 -33.38 -24.17 57.98
N SER D 212 -34.67 -24.34 58.24
CA SER D 212 -35.18 -24.18 59.59
C SER D 212 -34.57 -25.22 60.54
N GLU D 213 -34.35 -26.44 60.02
CA GLU D 213 -33.74 -27.48 60.84
C GLU D 213 -32.34 -27.09 61.29
N PHE D 214 -31.63 -26.29 60.50
CA PHE D 214 -30.26 -25.90 60.80
C PHE D 214 -30.13 -24.40 61.04
N ARG D 215 -31.17 -23.79 61.61
CA ARG D 215 -31.05 -22.41 62.07
C ARG D 215 -30.01 -22.33 63.19
N LYS D 216 -29.18 -21.28 63.14
CA LYS D 216 -28.17 -21.08 64.18
C LYS D 216 -28.79 -20.39 65.39
N ILE D 217 -28.52 -20.92 66.57
CA ILE D 217 -29.08 -20.34 67.79
C ILE D 217 -28.13 -19.30 68.39
N VAL G 31 11.97 3.52 5.02
CA VAL G 31 11.54 4.84 4.57
C VAL G 31 11.53 5.81 5.74
N ASP G 32 12.52 6.69 5.80
CA ASP G 32 12.64 7.66 6.88
C ASP G 32 11.76 8.86 6.56
N LEU G 33 10.71 9.06 7.35
CA LEU G 33 9.74 10.12 7.09
C LEU G 33 10.27 11.50 7.46
N SER G 34 11.44 11.60 8.09
CA SER G 34 12.06 12.90 8.31
C SER G 34 12.50 13.55 7.02
N LYS G 35 12.69 12.76 5.96
CA LYS G 35 12.99 13.26 4.63
C LYS G 35 11.82 13.15 3.66
N HIS G 36 10.98 12.11 3.80
CA HIS G 36 9.84 11.88 2.92
C HIS G 36 8.58 11.73 3.76
N PRO G 37 7.99 12.85 4.19
CA PRO G 37 6.77 12.77 5.01
C PRO G 37 5.61 12.06 4.32
N SER G 38 5.62 11.99 2.99
CA SER G 38 4.56 11.29 2.27
C SER G 38 4.64 9.79 2.45
N GLY G 39 5.79 9.26 2.84
CA GLY G 39 5.99 7.82 2.85
C GLY G 39 6.22 7.22 1.48
N ILE G 40 6.37 8.05 0.44
CA ILE G 40 6.65 7.60 -0.91
C ILE G 40 7.99 8.19 -1.32
N VAL G 41 8.84 7.37 -1.93
CA VAL G 41 10.11 7.87 -2.42
C VAL G 41 10.16 7.74 -3.93
N PRO G 42 10.18 8.84 -4.69
CA PRO G 42 10.33 8.73 -6.14
C PRO G 42 11.56 7.93 -6.53
N THR G 43 11.38 7.06 -7.51
CA THR G 43 12.45 6.24 -8.05
C THR G 43 13.20 7.01 -9.13
N LEU G 44 14.52 7.09 -9.00
CA LEU G 44 15.31 7.73 -10.04
C LEU G 44 15.30 6.85 -11.29
N GLN G 45 15.04 7.47 -12.44
CA GLN G 45 14.91 6.73 -13.69
C GLN G 45 15.95 7.09 -14.73
N ASN G 46 16.49 8.30 -14.70
CA ASN G 46 17.41 8.77 -15.72
C ASN G 46 18.31 9.82 -15.09
N ILE G 47 19.58 9.79 -15.46
CA ILE G 47 20.55 10.78 -15.03
C ILE G 47 21.29 11.26 -16.27
N VAL G 48 21.36 12.57 -16.45
CA VAL G 48 22.19 13.18 -17.48
C VAL G 48 23.34 13.89 -16.78
N SER G 49 24.56 13.64 -17.24
CA SER G 49 25.74 14.27 -16.68
C SER G 49 26.69 14.62 -17.82
N THR G 50 27.67 15.47 -17.50
CA THR G 50 28.68 15.88 -18.46
C THR G 50 30.05 15.83 -17.82
N VAL G 51 31.07 15.82 -18.69
CA VAL G 51 32.45 15.92 -18.26
C VAL G 51 33.26 16.40 -19.46
N ASN G 52 34.33 17.14 -19.18
CA ASN G 52 35.24 17.66 -20.20
C ASN G 52 36.53 16.85 -20.15
N LEU G 53 36.92 16.30 -21.30
CA LEU G 53 38.13 15.50 -21.40
C LEU G 53 39.37 16.35 -21.68
N ASP G 54 39.23 17.69 -21.61
CA ASP G 54 40.32 18.65 -21.79
C ASP G 54 40.92 18.61 -23.19
N CYS G 55 41.26 17.43 -23.69
CA CYS G 55 41.92 17.31 -24.98
C CYS G 55 40.91 17.33 -26.12
N LYS G 56 41.42 17.51 -27.34
CA LYS G 56 40.63 17.46 -28.55
C LYS G 56 40.63 16.05 -29.12
N LEU G 57 39.51 15.66 -29.72
CA LEU G 57 39.30 14.29 -30.18
C LEU G 57 39.03 14.27 -31.68
N ASP G 58 39.49 13.20 -32.33
CA ASP G 58 39.19 12.93 -33.74
C ASP G 58 38.04 11.94 -33.77
N LEU G 59 36.84 12.43 -34.11
CA LEU G 59 35.64 11.60 -33.95
C LEU G 59 35.61 10.45 -34.96
N LYS G 60 36.18 10.62 -36.15
CA LYS G 60 36.14 9.54 -37.13
C LYS G 60 37.08 8.41 -36.73
N ALA G 61 38.23 8.73 -36.15
CA ALA G 61 39.13 7.70 -35.66
C ALA G 61 38.51 6.90 -34.52
N ILE G 62 37.78 7.58 -33.64
CA ILE G 62 37.15 6.89 -32.52
C ILE G 62 36.10 5.90 -33.03
N ALA G 63 35.15 6.40 -33.82
CA ALA G 63 34.12 5.54 -34.39
C ALA G 63 34.67 4.53 -35.38
N LEU G 64 35.93 4.68 -35.82
CA LEU G 64 36.55 3.65 -36.64
C LEU G 64 36.96 2.44 -35.80
N GLN G 65 37.45 2.69 -34.58
CA GLN G 65 38.03 1.64 -33.75
C GLN G 65 37.11 1.18 -32.62
N ALA G 66 36.20 2.03 -32.14
CA ALA G 66 35.39 1.68 -30.98
C ALA G 66 34.38 0.60 -31.32
N ARG G 67 34.13 -0.30 -30.37
CA ARG G 67 33.25 -1.44 -30.62
C ARG G 67 31.82 -0.98 -30.89
N ASN G 68 31.13 -0.47 -29.88
CA ASN G 68 29.72 -0.10 -30.00
C ASN G 68 29.61 1.42 -30.09
N ALA G 69 29.88 1.95 -31.27
CA ALA G 69 29.92 3.38 -31.48
C ALA G 69 29.23 3.75 -32.79
N GLU G 70 28.53 4.88 -32.79
CA GLU G 70 27.83 5.39 -33.96
C GLU G 70 28.35 6.78 -34.27
N TYR G 71 28.51 7.09 -35.56
CA TYR G 71 28.94 8.42 -35.96
C TYR G 71 28.44 8.70 -37.36
N ASN G 72 27.66 9.77 -37.51
CA ASN G 72 27.20 10.23 -38.82
C ASN G 72 27.21 11.76 -38.76
N PRO G 73 28.34 12.38 -39.13
CA PRO G 73 28.45 13.84 -38.99
C PRO G 73 27.46 14.60 -39.85
N LYS G 74 26.86 13.96 -40.86
CA LYS G 74 25.84 14.64 -41.66
C LYS G 74 24.60 14.97 -40.82
N ARG G 75 24.32 14.19 -39.78
CA ARG G 75 23.16 14.43 -38.93
C ARG G 75 23.49 14.97 -37.55
N PHE G 76 24.65 14.62 -37.00
CA PHE G 76 24.99 15.02 -35.64
C PHE G 76 26.49 14.95 -35.49
N ALA G 77 27.08 16.00 -34.93
CA ALA G 77 28.53 16.11 -34.81
C ALA G 77 29.04 15.47 -33.52
N ALA G 78 28.62 14.24 -33.24
CA ALA G 78 29.07 13.53 -32.07
C ALA G 78 29.14 12.05 -32.36
N VAL G 79 30.08 11.37 -31.71
CA VAL G 79 30.10 9.92 -31.69
C VAL G 79 29.17 9.44 -30.57
N ILE G 80 28.27 8.54 -30.91
CA ILE G 80 27.34 7.95 -29.94
C ILE G 80 27.90 6.60 -29.54
N MET G 81 28.18 6.44 -28.25
CA MET G 81 28.79 5.22 -27.72
C MET G 81 27.95 4.69 -26.57
N ARG G 82 27.90 3.38 -26.44
CA ARG G 82 27.12 2.74 -25.37
C ARG G 82 27.95 1.65 -24.71
N ILE G 83 27.66 1.41 -23.43
CA ILE G 83 28.26 0.31 -22.69
C ILE G 83 27.15 -0.41 -21.94
N ARG G 84 27.46 -1.64 -21.54
CA ARG G 84 26.49 -2.52 -20.90
C ARG G 84 26.30 -2.18 -19.42
N GLU G 85 27.38 -1.87 -18.73
CA GLU G 85 27.36 -1.74 -17.28
C GLU G 85 28.24 -0.57 -16.84
N PRO G 86 27.66 0.51 -16.31
CA PRO G 86 26.21 0.73 -16.20
C PRO G 86 25.57 1.04 -17.55
N LYS G 87 24.34 0.57 -17.78
CA LYS G 87 23.67 0.76 -19.06
C LYS G 87 23.49 2.25 -19.33
N THR G 88 24.31 2.80 -20.21
CA THR G 88 24.30 4.22 -20.51
C THR G 88 24.60 4.45 -21.99
N THR G 89 24.40 5.70 -22.41
CA THR G 89 24.73 6.15 -23.75
C THR G 89 25.50 7.44 -23.61
N ALA G 90 26.64 7.54 -24.28
CA ALA G 90 27.46 8.74 -24.24
C ALA G 90 27.39 9.48 -25.57
N LEU G 91 27.46 10.81 -25.49
CA LEU G 91 27.63 11.66 -26.66
C LEU G 91 28.99 12.31 -26.52
N ILE G 92 29.91 11.98 -27.43
CA ILE G 92 31.29 12.46 -27.37
C ILE G 92 31.53 13.38 -28.56
N PHE G 93 32.01 14.59 -28.28
CA PHE G 93 32.16 15.64 -29.28
C PHE G 93 33.63 15.93 -29.52
N ALA G 94 33.92 16.47 -30.72
CA ALA G 94 35.31 16.71 -31.10
C ALA G 94 36.01 17.66 -30.15
N SER G 95 35.25 18.56 -29.50
CA SER G 95 35.82 19.55 -28.60
C SER G 95 36.28 18.96 -27.27
N GLY G 96 36.01 17.68 -27.01
CA GLY G 96 36.35 17.07 -25.75
C GLY G 96 35.20 16.98 -24.76
N LYS G 97 34.12 17.72 -24.98
CA LYS G 97 32.97 17.64 -24.10
C LYS G 97 32.21 16.35 -24.32
N MET G 98 31.59 15.84 -23.25
CA MET G 98 30.88 14.57 -23.30
C MET G 98 29.62 14.63 -22.46
N VAL G 99 28.52 14.11 -23.00
CA VAL G 99 27.26 13.96 -22.28
C VAL G 99 27.04 12.47 -22.03
N CYS G 100 26.70 12.12 -20.79
CA CYS G 100 26.39 10.74 -20.42
C CYS G 100 24.94 10.65 -19.98
N THR G 101 24.18 9.74 -20.59
CA THR G 101 22.75 9.61 -20.35
C THR G 101 22.36 8.17 -20.05
N GLY G 102 21.30 8.02 -19.26
CA GLY G 102 20.66 6.73 -19.09
C GLY G 102 20.92 6.03 -17.77
N ALA G 103 21.84 6.53 -16.95
CA ALA G 103 22.13 5.87 -15.69
C ALA G 103 20.96 6.02 -14.72
N LYS G 104 20.89 5.12 -13.75
CA LYS G 104 19.82 5.09 -12.77
C LYS G 104 20.18 5.81 -11.47
N SER G 105 21.41 6.31 -11.34
CA SER G 105 21.84 7.04 -10.16
C SER G 105 22.99 7.96 -10.53
N GLU G 106 23.23 8.95 -9.66
CA GLU G 106 24.31 9.90 -9.90
C GLU G 106 25.67 9.21 -9.98
N ASP G 107 25.88 8.16 -9.20
CA ASP G 107 27.20 7.55 -9.18
C ASP G 107 27.36 6.46 -10.24
N PHE G 108 26.28 5.79 -10.64
CA PHE G 108 26.34 4.99 -11.86
C PHE G 108 26.66 5.86 -13.07
N SER G 109 26.14 7.10 -13.08
CA SER G 109 26.42 7.99 -14.20
C SER G 109 27.89 8.39 -14.23
N LYS G 110 28.45 8.73 -13.06
CA LYS G 110 29.88 9.04 -12.99
C LYS G 110 30.72 7.82 -13.29
N MET G 111 30.32 6.64 -12.80
CA MET G 111 31.02 5.41 -13.13
C MET G 111 31.02 5.16 -14.64
N ALA G 112 29.87 5.39 -15.29
CA ALA G 112 29.81 5.26 -16.74
C ALA G 112 30.69 6.29 -17.42
N ALA G 113 30.62 7.55 -16.98
CA ALA G 113 31.40 8.61 -17.60
C ALA G 113 32.89 8.33 -17.50
N ARG G 114 33.34 7.76 -16.39
CA ARG G 114 34.74 7.40 -16.25
C ARG G 114 35.12 6.24 -17.17
N LYS G 115 34.22 5.28 -17.35
CA LYS G 115 34.46 4.18 -18.29
C LYS G 115 34.58 4.70 -19.72
N TYR G 116 33.74 5.67 -20.10
CA TYR G 116 33.88 6.27 -21.42
C TYR G 116 35.20 7.02 -21.54
N ALA G 117 35.57 7.79 -20.51
CA ALA G 117 36.84 8.52 -20.55
C ALA G 117 38.02 7.57 -20.75
N ARG G 118 38.03 6.45 -20.03
CA ARG G 118 39.14 5.50 -20.14
C ARG G 118 39.14 4.80 -21.49
N ILE G 119 37.97 4.52 -22.07
CA ILE G 119 37.94 3.99 -23.43
C ILE G 119 38.58 4.97 -24.40
N VAL G 120 38.31 6.25 -24.23
CA VAL G 120 38.94 7.28 -25.07
C VAL G 120 40.44 7.33 -24.81
N GLN G 121 40.87 7.10 -23.58
CA GLN G 121 42.30 7.06 -23.29
C GLN G 121 42.95 5.85 -23.96
N LYS G 122 42.27 4.71 -23.97
CA LYS G 122 42.80 3.51 -24.58
C LYS G 122 42.91 3.61 -26.10
N LEU G 123 42.34 4.64 -26.70
CA LEU G 123 42.41 4.83 -28.15
C LEU G 123 43.51 5.80 -28.56
N GLY G 124 44.25 6.35 -27.60
CA GLY G 124 45.34 7.23 -27.90
C GLY G 124 45.09 8.72 -27.73
N PHE G 125 44.17 9.11 -26.85
CA PHE G 125 43.87 10.51 -26.60
C PHE G 125 44.13 10.83 -25.14
N PRO G 126 44.82 11.93 -24.82
CA PRO G 126 45.09 12.28 -23.40
C PRO G 126 43.85 12.86 -22.71
N ALA G 127 42.85 12.00 -22.52
CA ALA G 127 41.56 12.43 -22.00
C ALA G 127 41.64 12.62 -20.49
N LYS G 128 40.99 13.68 -20.00
CA LYS G 128 40.96 13.96 -18.57
C LYS G 128 39.52 14.03 -18.08
N PHE G 129 39.36 13.86 -16.77
CA PHE G 129 38.04 13.85 -16.14
C PHE G 129 37.87 15.14 -15.36
N LYS G 130 37.52 16.21 -16.08
CA LYS G 130 37.47 17.55 -15.52
C LYS G 130 36.04 18.08 -15.53
N ASP G 131 35.60 18.62 -14.40
CA ASP G 131 34.32 19.33 -14.28
C ASP G 131 33.12 18.40 -14.54
N PHE G 132 33.16 17.23 -13.92
CA PHE G 132 31.99 16.36 -13.95
C PHE G 132 30.84 17.03 -13.20
N LYS G 133 29.66 17.07 -13.83
CA LYS G 133 28.50 17.72 -13.25
C LYS G 133 27.25 16.89 -13.55
N ILE G 134 26.44 16.63 -12.52
CA ILE G 134 25.10 16.09 -12.75
C ILE G 134 24.24 17.22 -13.27
N GLN G 135 23.64 17.01 -14.45
CA GLN G 135 22.92 18.08 -15.14
C GLN G 135 21.41 17.94 -15.09
N ASN G 136 20.88 16.72 -15.02
CA ASN G 136 19.45 16.50 -14.95
C ASN G 136 19.20 15.16 -14.26
N ILE G 137 18.18 15.14 -13.41
CA ILE G 137 17.77 13.94 -12.70
C ILE G 137 16.28 13.75 -12.95
N VAL G 138 15.90 12.59 -13.46
CA VAL G 138 14.50 12.29 -13.77
C VAL G 138 14.04 11.20 -12.81
N GLY G 139 12.93 11.44 -12.12
CA GLY G 139 12.36 10.47 -11.22
C GLY G 139 10.89 10.26 -11.55
N SER G 140 10.33 9.21 -10.96
CA SER G 140 8.91 8.91 -11.14
C SER G 140 8.40 8.18 -9.93
N CYS G 141 7.10 8.29 -9.68
CA CYS G 141 6.49 7.57 -8.56
C CYS G 141 5.00 7.48 -8.81
N ASP G 142 4.32 6.79 -7.89
CA ASP G 142 2.92 6.42 -8.03
C ASP G 142 2.25 6.70 -6.69
N VAL G 143 1.36 7.70 -6.65
CA VAL G 143 0.62 7.99 -5.43
C VAL G 143 -0.55 7.05 -5.23
N LYS G 144 -0.89 6.25 -6.24
CA LYS G 144 -1.85 5.14 -6.11
C LYS G 144 -3.27 5.64 -5.82
N PHE G 145 -3.63 6.79 -6.39
CA PHE G 145 -5.04 7.18 -6.46
C PHE G 145 -5.22 8.06 -7.69
N PRO G 146 -6.42 8.08 -8.27
CA PRO G 146 -6.65 8.89 -9.47
C PRO G 146 -6.71 10.38 -9.15
N ILE G 147 -6.43 11.19 -10.16
CA ILE G 147 -6.31 12.64 -9.99
C ILE G 147 -7.21 13.35 -11.01
N ARG G 148 -7.89 14.39 -10.53
CA ARG G 148 -8.72 15.25 -11.38
C ARG G 148 -7.84 16.36 -11.95
N LEU G 149 -7.24 16.09 -13.10
CA LEU G 149 -6.25 17.02 -13.65
C LEU G 149 -6.87 18.37 -13.94
N GLU G 150 -8.08 18.40 -14.49
CA GLU G 150 -8.67 19.68 -14.89
C GLU G 150 -8.86 20.61 -13.70
N GLY G 151 -9.33 20.07 -12.57
CA GLY G 151 -9.49 20.89 -11.38
C GLY G 151 -8.17 21.39 -10.83
N LEU G 152 -7.15 20.54 -10.84
CA LEU G 152 -5.81 20.97 -10.45
C LEU G 152 -5.34 22.12 -11.33
N ALA G 153 -5.49 21.98 -12.66
CA ALA G 153 -5.02 23.02 -13.57
C ALA G 153 -5.74 24.35 -13.32
N TYR G 154 -7.06 24.29 -13.13
CA TYR G 154 -7.84 25.51 -12.92
C TYR G 154 -7.42 26.22 -11.64
N SER G 155 -7.16 25.46 -10.57
CA SER G 155 -6.75 26.07 -9.31
C SER G 155 -5.32 26.57 -9.35
N HIS G 156 -4.49 26.03 -10.26
CA HIS G 156 -3.11 26.46 -10.39
C HIS G 156 -2.82 26.89 -11.83
N ALA G 157 -3.56 27.87 -12.32
CA ALA G 157 -3.46 28.26 -13.72
C ALA G 157 -2.11 28.87 -14.06
N ALA G 158 -1.48 29.54 -13.10
CA ALA G 158 -0.18 30.15 -13.33
C ALA G 158 0.94 29.13 -13.39
N PHE G 159 0.69 27.89 -12.96
CA PHE G 159 1.73 26.85 -12.93
C PHE G 159 1.47 25.71 -13.89
N SER G 160 0.24 25.55 -14.38
CA SER G 160 -0.16 24.33 -15.07
C SER G 160 -0.45 24.61 -16.53
N SER G 161 -0.07 23.65 -17.39
CA SER G 161 -0.54 23.54 -18.76
C SER G 161 -1.16 22.17 -18.91
N TYR G 162 -2.45 22.12 -19.22
CA TYR G 162 -3.18 20.86 -19.38
C TYR G 162 -4.02 20.95 -20.64
N GLU G 163 -3.63 20.22 -21.68
CA GLU G 163 -4.49 20.05 -22.86
C GLU G 163 -4.52 18.56 -23.20
N PRO G 164 -5.55 17.83 -22.76
CA PRO G 164 -5.57 16.39 -23.00
C PRO G 164 -5.56 16.04 -24.48
N GLU G 165 -6.02 16.95 -25.35
CA GLU G 165 -6.05 16.65 -26.77
C GLU G 165 -4.65 16.64 -27.37
N LEU G 166 -3.67 17.25 -26.71
CA LEU G 166 -2.28 17.25 -27.16
C LEU G 166 -1.40 16.27 -26.40
N PHE G 167 -1.55 16.21 -25.07
CA PHE G 167 -0.75 15.33 -24.22
C PHE G 167 -1.62 15.00 -23.01
N PRO G 168 -1.73 13.73 -22.62
CA PRO G 168 -2.66 13.37 -21.53
C PRO G 168 -2.20 13.80 -20.15
N GLY G 169 -0.96 14.26 -19.99
CA GLY G 169 -0.47 14.65 -18.69
C GLY G 169 -0.56 16.15 -18.46
N LEU G 170 -0.74 16.53 -17.19
CA LEU G 170 -0.67 17.93 -16.80
C LEU G 170 0.79 18.30 -16.57
N ILE G 171 1.19 19.44 -17.14
CA ILE G 171 2.55 19.97 -16.98
C ILE G 171 2.53 20.99 -15.85
N TYR G 172 3.23 20.68 -14.77
CA TYR G 172 3.30 21.54 -13.59
C TYR G 172 4.71 22.08 -13.44
N ARG G 173 4.87 23.38 -13.67
CA ARG G 173 6.17 24.04 -13.57
C ARG G 173 6.26 24.63 -12.16
N MET G 174 6.83 23.86 -11.25
CA MET G 174 6.98 24.30 -9.87
C MET G 174 8.11 25.31 -9.78
N LYS G 175 7.90 26.34 -8.96
CA LYS G 175 8.89 27.42 -8.89
C LYS G 175 9.93 27.18 -7.82
N VAL G 176 9.53 26.66 -6.66
CA VAL G 176 10.47 26.37 -5.58
C VAL G 176 10.27 24.92 -5.14
N PRO G 177 11.18 24.00 -5.48
CA PRO G 177 12.34 24.27 -6.35
C PRO G 177 11.92 24.34 -7.81
N LYS G 178 12.78 24.85 -8.68
CA LYS G 178 12.48 24.96 -10.11
C LYS G 178 12.44 23.57 -10.74
N ILE G 179 11.26 22.95 -10.70
CA ILE G 179 11.09 21.56 -11.11
C ILE G 179 9.83 21.47 -11.97
N VAL G 180 9.88 20.64 -13.00
CA VAL G 180 8.72 20.37 -13.84
C VAL G 180 8.18 18.98 -13.49
N LEU G 181 6.88 18.91 -13.21
CA LEU G 181 6.23 17.65 -12.91
C LEU G 181 5.21 17.33 -13.99
N LEU G 182 5.20 16.07 -14.42
CA LEU G 182 4.18 15.56 -15.31
C LEU G 182 3.23 14.70 -14.48
N ILE G 183 1.97 15.10 -14.42
CA ILE G 183 0.97 14.50 -13.54
C ILE G 183 -0.12 13.90 -14.40
N PHE G 184 -0.45 12.63 -14.14
CA PHE G 184 -1.39 11.89 -14.97
C PHE G 184 -2.59 11.45 -14.15
N VAL G 185 -3.72 11.24 -14.83
CA VAL G 185 -4.95 10.84 -14.15
C VAL G 185 -4.70 9.59 -13.31
N SER G 186 -3.88 8.67 -13.83
CA SER G 186 -3.58 7.42 -13.14
C SER G 186 -2.97 7.62 -11.77
N GLY G 187 -2.47 8.81 -11.46
CA GLY G 187 -1.72 9.02 -10.23
C GLY G 187 -0.23 8.78 -10.35
N LYS G 188 0.26 8.39 -11.53
CA LYS G 188 1.69 8.34 -11.79
C LYS G 188 2.21 9.75 -12.04
N ILE G 189 3.42 10.01 -11.56
CA ILE G 189 4.04 11.33 -11.62
C ILE G 189 5.43 11.18 -12.20
N VAL G 190 5.83 12.13 -13.05
CA VAL G 190 7.21 12.25 -13.50
C VAL G 190 7.75 13.56 -12.94
N ILE G 191 8.97 13.53 -12.44
CA ILE G 191 9.59 14.69 -11.80
C ILE G 191 10.95 14.89 -12.46
N THR G 192 11.12 15.99 -13.18
CA THR G 192 12.33 16.19 -13.95
C THR G 192 12.84 17.61 -13.78
N GLY G 193 14.12 17.80 -14.09
CA GLY G 193 14.75 19.11 -14.06
C GLY G 193 15.67 19.34 -12.88
N ALA G 194 15.78 18.39 -11.95
CA ALA G 194 16.59 18.59 -10.76
C ALA G 194 18.07 18.32 -11.06
N LYS G 195 18.94 19.04 -10.35
CA LYS G 195 20.37 18.79 -10.38
C LYS G 195 20.85 18.06 -9.13
N MET G 196 20.02 18.02 -8.09
CA MET G 196 20.28 17.25 -6.88
C MET G 196 19.03 16.43 -6.59
N ARG G 197 19.22 15.19 -6.11
CA ARG G 197 18.06 14.36 -5.83
C ARG G 197 17.15 14.95 -4.76
N ASP G 198 17.68 15.81 -3.88
CA ASP G 198 16.82 16.45 -2.88
C ASP G 198 15.79 17.35 -3.51
N GLU G 199 16.11 17.97 -4.65
CA GLU G 199 15.12 18.77 -5.35
C GLU G 199 14.01 17.91 -5.92
N THR G 200 14.35 16.70 -6.38
CA THR G 200 13.33 15.74 -6.82
C THR G 200 12.40 15.36 -5.68
N TYR G 201 12.97 15.09 -4.50
CA TYR G 201 12.15 14.66 -3.37
C TYR G 201 11.31 15.81 -2.84
N LYS G 202 11.90 17.01 -2.73
CA LYS G 202 11.16 18.17 -2.26
C LYS G 202 10.06 18.57 -3.22
N ALA G 203 10.27 18.37 -4.53
CA ALA G 203 9.21 18.66 -5.49
C ALA G 203 8.02 17.73 -5.26
N PHE G 204 8.28 16.44 -5.04
CA PHE G 204 7.18 15.51 -4.81
C PHE G 204 6.47 15.80 -3.49
N GLU G 205 7.23 16.09 -2.43
CA GLU G 205 6.62 16.40 -1.15
C GLU G 205 5.77 17.67 -1.23
N ASN G 206 6.22 18.65 -1.99
CA ASN G 206 5.44 19.87 -2.16
C ASN G 206 4.14 19.61 -2.90
N ILE G 207 4.16 18.70 -3.89
CA ILE G 207 2.99 18.48 -4.72
C ILE G 207 2.01 17.48 -4.11
N TYR G 208 2.45 16.64 -3.17
CA TYR G 208 1.60 15.56 -2.68
C TYR G 208 0.31 16.06 -2.06
N PRO G 209 0.29 17.06 -1.17
CA PRO G 209 -1.01 17.55 -0.65
C PRO G 209 -1.89 18.16 -1.73
N VAL G 210 -1.30 18.75 -2.77
CA VAL G 210 -2.09 19.27 -3.88
C VAL G 210 -2.73 18.12 -4.65
N LEU G 211 -1.98 17.04 -4.88
CA LEU G 211 -2.56 15.86 -5.52
C LEU G 211 -3.68 15.27 -4.68
N SER G 212 -3.48 15.19 -3.37
CA SER G 212 -4.54 14.71 -2.49
C SER G 212 -5.78 15.59 -2.58
N GLU G 213 -5.58 16.90 -2.75
CA GLU G 213 -6.71 17.82 -2.84
C GLU G 213 -7.58 17.56 -4.06
N PHE G 214 -7.00 17.02 -5.13
CA PHE G 214 -7.72 16.80 -6.38
C PHE G 214 -7.75 15.32 -6.75
N ARG G 215 -7.86 14.46 -5.73
CA ARG G 215 -8.09 13.04 -5.99
C ARG G 215 -9.49 12.85 -6.57
N LYS G 216 -9.57 11.98 -7.58
CA LYS G 216 -10.84 11.65 -8.21
C LYS G 216 -11.57 10.61 -7.38
N ILE G 217 -12.86 10.83 -7.12
CA ILE G 217 -13.64 9.89 -6.32
C ILE G 217 -14.27 8.82 -7.20
N VAL J 31 34.74 -8.39 -64.57
CA VAL J 31 34.82 -7.80 -63.24
C VAL J 31 34.97 -6.28 -63.34
N ASP J 32 34.25 -5.57 -62.48
CA ASP J 32 34.37 -4.13 -62.35
C ASP J 32 35.67 -3.79 -61.63
N LEU J 33 36.76 -3.75 -62.41
CA LEU J 33 38.08 -3.47 -61.85
C LEU J 33 38.26 -2.02 -61.41
N SER J 34 37.26 -1.17 -61.61
CA SER J 34 37.32 0.17 -61.03
C SER J 34 37.40 0.09 -59.50
N LYS J 35 36.66 -0.84 -58.90
CA LYS J 35 36.70 -1.04 -57.46
C LYS J 35 37.38 -2.35 -57.07
N HIS J 36 37.75 -3.17 -58.05
CA HIS J 36 38.48 -4.43 -57.81
C HIS J 36 39.68 -4.51 -58.74
N PRO J 37 40.70 -3.65 -58.53
CA PRO J 37 41.86 -3.68 -59.43
C PRO J 37 42.51 -5.04 -59.54
N SER J 38 42.50 -5.83 -58.46
CA SER J 38 43.05 -7.19 -58.48
C SER J 38 42.36 -8.08 -59.51
N GLY J 39 41.16 -7.72 -59.96
CA GLY J 39 40.38 -8.64 -60.77
C GLY J 39 39.73 -9.76 -60.00
N ILE J 40 39.83 -9.76 -58.67
CA ILE J 40 39.25 -10.80 -57.81
C ILE J 40 38.23 -10.14 -56.89
N VAL J 41 37.06 -10.75 -56.77
CA VAL J 41 35.98 -10.21 -55.96
C VAL J 41 35.66 -11.17 -54.82
N PRO J 42 35.97 -10.81 -53.57
CA PRO J 42 35.64 -11.70 -52.44
C PRO J 42 34.14 -11.98 -52.35
N THR J 43 33.82 -13.24 -52.08
CA THR J 43 32.44 -13.69 -51.97
C THR J 43 31.94 -13.44 -50.54
N LEU J 44 30.76 -12.83 -50.43
CA LEU J 44 30.16 -12.65 -49.11
C LEU J 44 29.61 -13.98 -48.63
N GLN J 45 29.98 -14.38 -47.41
CA GLN J 45 29.62 -15.69 -46.86
C GLN J 45 28.68 -15.63 -45.67
N ASN J 46 28.65 -14.51 -44.96
CA ASN J 46 27.88 -14.44 -43.72
C ASN J 46 27.67 -12.97 -43.38
N ILE J 47 26.45 -12.66 -42.99
CA ILE J 47 26.05 -11.31 -42.58
C ILE J 47 25.47 -11.40 -41.18
N VAL J 48 25.91 -10.51 -40.29
CA VAL J 48 25.29 -10.33 -38.98
C VAL J 48 24.67 -8.94 -38.96
N SER J 49 23.40 -8.87 -38.57
CA SER J 49 22.73 -7.59 -38.43
C SER J 49 21.89 -7.61 -37.16
N THR J 50 21.46 -6.42 -36.74
CA THR J 50 20.58 -6.26 -35.59
C THR J 50 19.41 -5.36 -35.96
N VAL J 51 18.37 -5.43 -35.12
CA VAL J 51 17.21 -4.56 -35.24
C VAL J 51 16.49 -4.56 -33.91
N ASN J 52 15.76 -3.49 -33.62
CA ASN J 52 15.00 -3.35 -32.39
C ASN J 52 13.53 -3.40 -32.71
N LEU J 53 12.81 -4.34 -32.10
CA LEU J 53 11.37 -4.43 -32.28
C LEU J 53 10.62 -3.41 -31.44
N ASP J 54 11.31 -2.65 -30.59
CA ASP J 54 10.76 -1.55 -29.79
C ASP J 54 9.88 -2.04 -28.65
N CYS J 55 9.26 -3.21 -28.80
CA CYS J 55 8.34 -3.74 -27.81
C CYS J 55 9.01 -4.85 -27.00
N LYS J 56 8.44 -5.11 -25.83
CA LYS J 56 8.93 -6.19 -24.97
C LYS J 56 8.28 -7.51 -25.40
N LEU J 57 9.03 -8.59 -25.23
CA LEU J 57 8.60 -9.90 -25.70
C LEU J 57 8.58 -10.91 -24.56
N ASP J 58 7.67 -11.87 -24.67
CA ASP J 58 7.58 -13.01 -23.76
C ASP J 58 8.24 -14.19 -24.47
N LEU J 59 9.52 -14.41 -24.17
CA LEU J 59 10.27 -15.45 -24.86
C LEU J 59 9.64 -16.83 -24.64
N LYS J 60 9.15 -17.08 -23.42
CA LYS J 60 8.44 -18.32 -23.14
C LYS J 60 7.28 -18.52 -24.10
N ALA J 61 6.44 -17.48 -24.24
CA ALA J 61 5.26 -17.56 -25.08
C ALA J 61 5.61 -17.71 -26.56
N ILE J 62 6.78 -17.22 -26.98
CA ILE J 62 7.18 -17.41 -28.37
C ILE J 62 7.71 -18.82 -28.59
N ALA J 63 8.42 -19.37 -27.60
CA ALA J 63 9.05 -20.69 -27.79
C ALA J 63 8.02 -21.77 -28.04
N LEU J 64 6.88 -21.71 -27.36
CA LEU J 64 5.85 -22.73 -27.52
C LEU J 64 4.93 -22.44 -28.70
N GLN J 65 4.63 -21.17 -28.97
CA GLN J 65 3.73 -20.84 -30.07
C GLN J 65 4.46 -20.85 -31.41
N ALA J 66 5.62 -20.22 -31.48
CA ALA J 66 6.34 -20.13 -32.73
C ALA J 66 6.81 -21.51 -33.19
N ARG J 67 7.42 -21.53 -34.37
CA ARG J 67 7.64 -22.75 -35.13
C ARG J 67 9.00 -23.38 -34.81
N ASN J 68 9.94 -23.28 -35.75
CA ASN J 68 11.29 -23.79 -35.55
C ASN J 68 12.03 -22.89 -34.57
N ALA J 69 11.65 -22.92 -33.30
CA ALA J 69 12.11 -21.98 -32.29
C ALA J 69 12.58 -22.75 -31.07
N GLU J 70 13.84 -22.53 -30.68
CA GLU J 70 14.43 -23.16 -29.52
C GLU J 70 14.61 -22.13 -28.41
N TYR J 71 14.40 -22.56 -27.16
CA TYR J 71 14.58 -21.66 -26.03
C TYR J 71 14.96 -22.48 -24.79
N ASN J 72 16.12 -22.17 -24.23
CA ASN J 72 16.57 -22.78 -22.97
C ASN J 72 17.23 -21.69 -22.13
N PRO J 73 16.44 -20.99 -21.30
CA PRO J 73 16.99 -19.84 -20.58
C PRO J 73 18.06 -20.18 -19.57
N LYS J 74 18.17 -21.45 -19.16
CA LYS J 74 19.26 -21.84 -18.27
C LYS J 74 20.61 -21.72 -18.95
N ARG J 75 20.65 -21.83 -20.28
CA ARG J 75 21.91 -21.74 -21.01
C ARG J 75 22.10 -20.43 -21.77
N PHE J 76 21.01 -19.78 -22.20
CA PHE J 76 21.08 -18.55 -22.96
C PHE J 76 19.71 -17.88 -22.94
N ALA J 77 19.69 -16.57 -22.72
CA ALA J 77 18.44 -15.85 -22.49
C ALA J 77 17.91 -15.25 -23.80
N ALA J 78 17.74 -16.12 -24.80
CA ALA J 78 17.23 -15.70 -26.08
C ALA J 78 16.44 -16.84 -26.72
N VAL J 79 15.44 -16.48 -27.51
CA VAL J 79 14.79 -17.43 -28.40
C VAL J 79 15.64 -17.56 -29.65
N ILE J 80 15.92 -18.80 -30.05
CA ILE J 80 16.64 -19.09 -31.28
C ILE J 80 15.62 -19.56 -32.31
N MET J 81 15.53 -18.83 -33.41
CA MET J 81 14.58 -19.13 -34.48
C MET J 81 15.32 -19.18 -35.81
N ARG J 82 14.83 -20.02 -36.71
CA ARG J 82 15.43 -20.20 -38.02
C ARG J 82 14.32 -20.22 -39.07
N ILE J 83 14.63 -19.68 -40.25
CA ILE J 83 13.74 -19.73 -41.40
C ILE J 83 14.51 -20.28 -42.59
N ARG J 84 13.75 -20.74 -43.58
CA ARG J 84 14.34 -21.42 -44.74
C ARG J 84 14.84 -20.44 -45.78
N GLU J 85 14.12 -19.34 -46.03
CA GLU J 85 14.55 -18.41 -47.06
C GLU J 85 14.21 -16.98 -46.67
N PRO J 86 15.21 -16.12 -46.47
CA PRO J 86 16.64 -16.44 -46.59
C PRO J 86 17.12 -17.32 -45.43
N LYS J 87 18.01 -18.27 -45.73
CA LYS J 87 18.50 -19.19 -44.71
C LYS J 87 19.28 -18.44 -43.65
N THR J 88 18.67 -18.28 -42.47
CA THR J 88 19.23 -17.44 -41.41
C THR J 88 18.85 -18.03 -40.06
N THR J 89 19.49 -17.53 -39.02
CA THR J 89 19.17 -17.86 -37.64
C THR J 89 19.01 -16.56 -36.87
N ALA J 90 17.90 -16.42 -36.15
CA ALA J 90 17.64 -15.24 -35.35
C ALA J 90 17.88 -15.53 -33.88
N LEU J 91 18.43 -14.55 -33.17
CA LEU J 91 18.51 -14.59 -31.72
C LEU J 91 17.59 -13.49 -31.21
N ILE J 92 16.55 -13.86 -30.49
CA ILE J 92 15.48 -12.96 -30.09
C ILE J 92 15.47 -12.85 -28.57
N PHE J 93 15.52 -11.62 -28.06
CA PHE J 93 15.63 -11.38 -26.64
C PHE J 93 14.37 -10.74 -26.09
N ALA J 94 14.14 -10.92 -24.79
CA ALA J 94 12.98 -10.31 -24.14
C ALA J 94 13.04 -8.79 -24.19
N SER J 95 14.25 -8.23 -24.35
CA SER J 95 14.39 -6.79 -24.47
C SER J 95 13.75 -6.24 -25.74
N GLY J 96 13.42 -7.09 -26.70
CA GLY J 96 12.96 -6.67 -28.01
C GLY J 96 14.05 -6.60 -29.07
N LYS J 97 15.31 -6.65 -28.68
CA LYS J 97 16.40 -6.63 -29.64
C LYS J 97 16.57 -8.00 -30.28
N MET J 98 17.06 -8.00 -31.53
CA MET J 98 17.21 -9.22 -32.30
C MET J 98 18.51 -9.20 -33.07
N VAL J 99 19.20 -10.35 -33.11
CA VAL J 99 20.36 -10.58 -33.95
C VAL J 99 19.98 -11.55 -35.06
N CYS J 100 20.27 -11.18 -36.30
CA CYS J 100 20.03 -12.04 -37.46
C CYS J 100 21.37 -12.46 -38.06
N THR J 101 21.56 -13.77 -38.23
CA THR J 101 22.84 -14.31 -38.68
C THR J 101 22.63 -15.29 -39.81
N GLY J 102 23.66 -15.42 -40.65
CA GLY J 102 23.72 -16.47 -41.66
C GLY J 102 23.45 -16.02 -43.08
N ALA J 103 22.91 -14.82 -43.29
CA ALA J 103 22.54 -14.41 -44.64
C ALA J 103 23.76 -14.18 -45.52
N LYS J 104 23.54 -14.21 -46.84
CA LYS J 104 24.61 -14.10 -47.82
C LYS J 104 24.75 -12.68 -48.40
N SER J 105 23.82 -11.78 -48.09
CA SER J 105 23.94 -10.39 -48.52
C SER J 105 23.30 -9.50 -47.47
N GLU J 106 23.69 -8.23 -47.51
CA GLU J 106 23.15 -7.24 -46.59
C GLU J 106 21.63 -7.16 -46.67
N ASP J 107 21.08 -7.37 -47.86
CA ASP J 107 19.65 -7.22 -48.05
C ASP J 107 18.87 -8.51 -47.90
N PHE J 108 19.49 -9.66 -48.18
CA PHE J 108 18.94 -10.92 -47.66
C PHE J 108 18.85 -10.87 -46.15
N SER J 109 19.83 -10.25 -45.50
CA SER J 109 19.81 -10.11 -44.03
C SER J 109 18.64 -9.26 -43.57
N LYS J 110 18.38 -8.14 -44.25
CA LYS J 110 17.23 -7.30 -43.93
C LYS J 110 15.92 -8.02 -44.23
N MET J 111 15.86 -8.74 -45.35
CA MET J 111 14.67 -9.53 -45.68
C MET J 111 14.40 -10.57 -44.60
N ALA J 112 15.43 -11.25 -44.13
CA ALA J 112 15.24 -12.20 -43.04
C ALA J 112 14.83 -11.47 -41.75
N ALA J 113 15.46 -10.33 -41.46
CA ALA J 113 15.12 -9.60 -40.25
C ALA J 113 13.66 -9.15 -40.24
N ARG J 114 13.15 -8.76 -41.41
CA ARG J 114 11.74 -8.36 -41.47
C ARG J 114 10.82 -9.57 -41.31
N LYS J 115 11.21 -10.72 -41.84
CA LYS J 115 10.38 -11.91 -41.75
C LYS J 115 10.29 -12.42 -40.31
N TYR J 116 11.41 -12.38 -39.58
CA TYR J 116 11.36 -12.70 -38.16
C TYR J 116 10.49 -11.69 -37.42
N ALA J 117 10.58 -10.42 -37.78
CA ALA J 117 9.73 -9.40 -37.16
C ALA J 117 8.26 -9.71 -37.40
N ARG J 118 7.91 -10.14 -38.62
CA ARG J 118 6.50 -10.41 -38.93
C ARG J 118 6.01 -11.66 -38.23
N ILE J 119 6.87 -12.65 -38.02
CA ILE J 119 6.45 -13.82 -37.24
C ILE J 119 6.14 -13.41 -35.81
N VAL J 120 6.88 -12.43 -35.28
CA VAL J 120 6.67 -12.01 -33.90
C VAL J 120 5.37 -11.25 -33.75
N GLN J 121 5.09 -10.30 -34.66
CA GLN J 121 3.86 -9.52 -34.54
C GLN J 121 2.63 -10.33 -34.92
N LYS J 122 2.80 -11.47 -35.60
CA LYS J 122 1.69 -12.38 -35.83
C LYS J 122 1.38 -13.25 -34.62
N LEU J 123 2.18 -13.15 -33.56
CA LEU J 123 1.93 -13.86 -32.32
C LEU J 123 1.32 -12.97 -31.25
N GLY J 124 1.03 -11.71 -31.57
CA GLY J 124 0.37 -10.80 -30.64
C GLY J 124 1.22 -9.66 -30.11
N PHE J 125 2.46 -9.49 -30.59
CA PHE J 125 3.35 -8.47 -30.05
C PHE J 125 3.42 -7.29 -31.00
N PRO J 126 3.31 -6.05 -30.51
CA PRO J 126 3.42 -4.87 -31.40
C PRO J 126 4.85 -4.61 -31.82
N ALA J 127 5.36 -5.45 -32.73
CA ALA J 127 6.75 -5.36 -33.16
C ALA J 127 6.91 -4.35 -34.28
N LYS J 128 8.00 -3.59 -34.22
CA LYS J 128 8.39 -2.65 -35.25
C LYS J 128 9.76 -3.04 -35.79
N PHE J 129 10.23 -2.29 -36.79
CA PHE J 129 11.51 -2.51 -37.45
C PHE J 129 12.34 -1.25 -37.27
N LYS J 130 12.89 -1.08 -36.08
CA LYS J 130 13.59 0.14 -35.70
C LYS J 130 15.09 -0.11 -35.61
N ASP J 131 15.86 0.76 -36.27
CA ASP J 131 17.32 0.79 -36.15
C ASP J 131 17.97 -0.48 -36.68
N PHE J 132 17.50 -0.95 -37.82
CA PHE J 132 18.21 -2.03 -38.51
C PHE J 132 19.61 -1.59 -38.89
N LYS J 133 20.59 -2.48 -38.68
CA LYS J 133 21.98 -2.15 -38.89
C LYS J 133 22.77 -3.41 -39.19
N ILE J 134 23.56 -3.36 -40.27
CA ILE J 134 24.52 -4.43 -40.56
C ILE J 134 25.67 -4.32 -39.58
N GLN J 135 25.99 -5.42 -38.89
CA GLN J 135 26.98 -5.38 -37.83
C GLN J 135 28.29 -6.06 -38.19
N ASN J 136 28.26 -7.04 -39.08
CA ASN J 136 29.46 -7.77 -39.47
C ASN J 136 29.22 -8.39 -40.82
N ILE J 137 30.23 -8.32 -41.68
CA ILE J 137 30.21 -8.94 -42.99
C ILE J 137 31.43 -9.85 -43.08
N VAL J 138 31.21 -11.10 -43.46
CA VAL J 138 32.29 -12.07 -43.62
C VAL J 138 32.40 -12.42 -45.10
N GLY J 139 33.63 -12.33 -45.63
CA GLY J 139 33.88 -12.67 -47.01
C GLY J 139 35.08 -13.63 -47.11
N SER J 140 35.22 -14.20 -48.30
CA SER J 140 36.33 -15.11 -48.55
C SER J 140 36.68 -15.02 -50.03
N CYS J 141 37.92 -15.39 -50.34
CA CYS J 141 38.37 -15.42 -51.72
C CYS J 141 39.64 -16.28 -51.80
N ASP J 142 40.26 -16.27 -52.97
CA ASP J 142 41.39 -17.15 -53.27
C ASP J 142 42.29 -16.43 -54.26
N VAL J 143 43.55 -16.20 -53.88
CA VAL J 143 44.46 -15.48 -54.77
C VAL J 143 45.11 -16.38 -55.82
N LYS J 144 44.86 -17.70 -55.74
CA LYS J 144 45.30 -18.67 -56.76
C LYS J 144 46.80 -18.94 -56.73
N PHE J 145 47.45 -18.79 -55.59
CA PHE J 145 48.84 -19.21 -55.45
C PHE J 145 49.13 -19.45 -53.99
N PRO J 146 50.09 -20.33 -53.66
CA PRO J 146 50.42 -20.59 -52.26
C PRO J 146 51.17 -19.40 -51.64
N ILE J 147 51.15 -19.36 -50.31
CA ILE J 147 51.64 -18.21 -49.56
C ILE J 147 52.60 -18.68 -48.48
N ARG J 148 53.78 -18.06 -48.44
CA ARG J 148 54.79 -18.32 -47.41
C ARG J 148 54.39 -17.55 -46.16
N LEU J 149 53.60 -18.20 -45.30
CA LEU J 149 52.99 -17.50 -44.17
C LEU J 149 54.02 -16.97 -43.19
N GLU J 150 55.09 -17.73 -42.94
CA GLU J 150 56.06 -17.28 -41.94
C GLU J 150 56.81 -16.05 -42.41
N GLY J 151 57.15 -15.98 -43.70
CA GLY J 151 57.76 -14.78 -44.23
C GLY J 151 56.89 -13.55 -44.06
N LEU J 152 55.59 -13.70 -44.34
CA LEU J 152 54.66 -12.58 -44.15
C LEU J 152 54.57 -12.18 -42.68
N ALA J 153 54.50 -13.15 -41.77
CA ALA J 153 54.44 -12.82 -40.35
C ALA J 153 55.69 -12.08 -39.89
N TYR J 154 56.86 -12.55 -40.32
CA TYR J 154 58.12 -11.95 -39.90
C TYR J 154 58.22 -10.49 -40.34
N SER J 155 57.84 -10.21 -41.59
CA SER J 155 57.96 -8.86 -42.13
C SER J 155 56.86 -7.92 -41.66
N HIS J 156 55.75 -8.45 -41.15
CA HIS J 156 54.64 -7.64 -40.66
C HIS J 156 54.29 -8.06 -39.24
N ALA J 157 55.29 -8.01 -38.36
CA ALA J 157 55.15 -8.56 -37.02
C ALA J 157 54.12 -7.79 -36.19
N ALA J 158 54.01 -6.48 -36.39
CA ALA J 158 53.03 -5.70 -35.65
C ALA J 158 51.60 -5.97 -36.10
N PHE J 159 51.41 -6.53 -37.30
CA PHE J 159 50.07 -6.78 -37.82
C PHE J 159 49.67 -8.25 -37.80
N SER J 160 50.63 -9.16 -37.62
CA SER J 160 50.41 -10.57 -37.86
C SER J 160 50.54 -11.36 -36.57
N SER J 161 49.74 -12.42 -36.47
CA SER J 161 49.89 -13.45 -35.45
C SER J 161 49.78 -14.78 -36.17
N TYR J 162 50.87 -15.56 -36.13
CA TYR J 162 50.95 -16.83 -36.84
C TYR J 162 51.56 -17.87 -35.90
N GLU J 163 50.75 -18.83 -35.45
CA GLU J 163 51.24 -19.97 -34.70
C GLU J 163 50.58 -21.23 -35.27
N PRO J 164 51.25 -21.90 -36.21
CA PRO J 164 50.63 -23.05 -36.88
C PRO J 164 50.29 -24.20 -35.96
N GLU J 165 50.96 -24.32 -34.81
CA GLU J 165 50.63 -25.39 -33.89
C GLU J 165 49.29 -25.16 -33.20
N LEU J 166 48.80 -23.92 -33.20
CA LEU J 166 47.50 -23.60 -32.63
C LEU J 166 46.40 -23.47 -33.69
N PHE J 167 46.72 -22.82 -34.81
CA PHE J 167 45.78 -22.56 -35.88
C PHE J 167 46.59 -22.38 -37.16
N PRO J 168 46.26 -23.07 -38.25
CA PRO J 168 47.10 -23.06 -39.44
C PRO J 168 47.03 -21.78 -40.26
N GLY J 169 46.18 -20.82 -39.90
CA GLY J 169 46.07 -19.57 -40.63
C GLY J 169 46.80 -18.45 -39.92
N LEU J 170 47.37 -17.54 -40.71
CA LEU J 170 47.94 -16.31 -40.18
C LEU J 170 46.83 -15.29 -39.95
N ILE J 171 46.87 -14.64 -38.79
CA ILE J 171 45.87 -13.65 -38.39
C ILE J 171 46.43 -12.27 -38.68
N TYR J 172 45.81 -11.55 -39.63
CA TYR J 172 46.27 -10.23 -40.04
C TYR J 172 45.23 -9.18 -39.61
N ARG J 173 45.61 -8.35 -38.64
CA ARG J 173 44.76 -7.28 -38.13
C ARG J 173 45.11 -6.00 -38.88
N MET J 174 44.35 -5.71 -39.93
CA MET J 174 44.57 -4.50 -40.72
C MET J 174 43.97 -3.29 -40.01
N LYS J 175 44.72 -2.19 -40.01
CA LYS J 175 44.29 -0.98 -39.30
C LYS J 175 43.39 -0.10 -40.15
N VAL J 176 43.70 0.07 -41.43
CA VAL J 176 42.90 0.92 -42.32
C VAL J 176 42.53 0.11 -43.57
N PRO J 177 41.26 -0.31 -43.72
CA PRO J 177 40.22 -0.20 -42.70
C PRO J 177 40.44 -1.22 -41.57
N LYS J 178 39.75 -1.05 -40.45
CA LYS J 178 39.90 -1.96 -39.31
C LYS J 178 39.29 -3.32 -39.63
N ILE J 179 40.09 -4.21 -40.21
CA ILE J 179 39.62 -5.49 -40.74
C ILE J 179 40.61 -6.57 -40.32
N VAL J 180 40.10 -7.75 -40.00
CA VAL J 180 40.93 -8.93 -39.71
C VAL J 180 40.86 -9.87 -40.90
N LEU J 181 42.02 -10.37 -41.33
CA LEU J 181 42.11 -11.36 -42.41
C LEU J 181 42.76 -12.62 -41.87
N LEU J 182 42.21 -13.77 -42.26
CA LEU J 182 42.83 -15.06 -41.99
C LEU J 182 43.41 -15.56 -43.31
N ILE J 183 44.73 -15.73 -43.34
CA ILE J 183 45.46 -16.00 -44.56
C ILE J 183 46.08 -17.39 -44.44
N PHE J 184 45.87 -18.22 -45.46
CA PHE J 184 46.25 -19.62 -45.40
C PHE J 184 47.29 -19.95 -46.46
N VAL J 185 48.03 -21.04 -46.22
CA VAL J 185 49.08 -21.46 -47.14
C VAL J 185 48.50 -21.73 -48.52
N SER J 186 47.27 -22.25 -48.58
CA SER J 186 46.63 -22.55 -49.85
C SER J 186 46.43 -21.31 -50.72
N GLY J 187 46.48 -20.12 -50.14
CA GLY J 187 46.09 -18.92 -50.86
C GLY J 187 44.64 -18.50 -50.67
N LYS J 188 43.86 -19.27 -49.92
CA LYS J 188 42.52 -18.85 -49.54
C LYS J 188 42.60 -17.84 -48.39
N ILE J 189 41.62 -16.93 -48.36
CA ILE J 189 41.61 -15.81 -47.42
C ILE J 189 40.20 -15.65 -46.85
N VAL J 190 40.12 -15.41 -45.54
CA VAL J 190 38.87 -15.03 -44.88
C VAL J 190 39.00 -13.57 -44.46
N ILE J 191 37.96 -12.79 -44.72
CA ILE J 191 37.96 -11.36 -44.44
C ILE J 191 36.74 -11.04 -43.60
N THR J 192 36.96 -10.59 -42.36
CA THR J 192 35.83 -10.40 -41.45
C THR J 192 35.98 -9.08 -40.69
N GLY J 193 34.84 -8.59 -40.20
CA GLY J 193 34.80 -7.38 -39.39
C GLY J 193 34.24 -6.15 -40.07
N ALA J 194 33.92 -6.24 -41.36
CA ALA J 194 33.39 -5.08 -42.06
C ALA J 194 31.94 -4.81 -41.67
N LYS J 195 31.56 -3.53 -41.69
CA LYS J 195 30.16 -3.13 -41.62
C LYS J 195 29.61 -2.66 -42.95
N MET J 196 30.49 -2.37 -43.93
CA MET J 196 30.13 -2.09 -45.30
C MET J 196 30.96 -2.98 -46.20
N ARG J 197 30.36 -3.51 -47.27
CA ARG J 197 31.09 -4.44 -48.12
C ARG J 197 32.31 -3.80 -48.76
N ASP J 198 32.28 -2.48 -48.97
CA ASP J 198 33.46 -1.80 -49.53
C ASP J 198 34.67 -1.95 -48.61
N GLU J 199 34.46 -2.08 -47.31
CA GLU J 199 35.58 -2.32 -46.40
C GLU J 199 36.14 -3.73 -46.58
N THR J 200 35.26 -4.70 -46.84
CA THR J 200 35.71 -6.04 -47.21
C THR J 200 36.59 -6.00 -48.46
N TYR J 201 36.13 -5.27 -49.49
CA TYR J 201 36.88 -5.22 -50.74
C TYR J 201 38.18 -4.47 -50.57
N LYS J 202 38.14 -3.31 -49.90
CA LYS J 202 39.35 -2.51 -49.74
C LYS J 202 40.42 -3.26 -48.94
N ALA J 203 39.99 -4.03 -47.94
CA ALA J 203 40.95 -4.79 -47.15
C ALA J 203 41.66 -5.82 -48.01
N PHE J 204 40.92 -6.50 -48.88
CA PHE J 204 41.55 -7.47 -49.78
C PHE J 204 42.46 -6.78 -50.79
N GLU J 205 42.02 -5.65 -51.35
CA GLU J 205 42.86 -4.93 -52.31
C GLU J 205 44.13 -4.41 -51.64
N ASN J 206 44.04 -4.04 -50.36
CA ASN J 206 45.23 -3.63 -49.62
C ASN J 206 46.22 -4.78 -49.47
N ILE J 207 45.74 -5.96 -49.09
CA ILE J 207 46.63 -7.06 -48.74
C ILE J 207 47.14 -7.81 -49.97
N TYR J 208 46.44 -7.73 -51.10
CA TYR J 208 46.78 -8.56 -52.26
C TYR J 208 48.21 -8.35 -52.74
N PRO J 209 48.70 -7.13 -52.96
CA PRO J 209 50.11 -6.97 -53.37
C PRO J 209 51.10 -7.40 -52.31
N VAL J 210 50.73 -7.40 -51.03
CA VAL J 210 51.61 -7.97 -50.01
C VAL J 210 51.68 -9.49 -50.17
N LEU J 211 50.54 -10.13 -50.42
CA LEU J 211 50.51 -11.57 -50.60
C LEU J 211 51.38 -12.00 -51.77
N SER J 212 51.33 -11.25 -52.89
CA SER J 212 52.16 -11.56 -54.03
C SER J 212 53.65 -11.51 -53.70
N GLU J 213 54.02 -10.67 -52.73
CA GLU J 213 55.41 -10.59 -52.31
C GLU J 213 55.87 -11.85 -51.61
N PHE J 214 54.94 -12.70 -51.16
CA PHE J 214 55.30 -13.88 -50.37
C PHE J 214 54.74 -15.16 -50.96
N ARG J 215 54.69 -15.24 -52.29
CA ARG J 215 54.29 -16.46 -52.97
C ARG J 215 55.30 -17.57 -52.70
N LYS J 216 54.79 -18.78 -52.49
CA LYS J 216 55.64 -19.94 -52.27
C LYS J 216 56.04 -20.56 -53.60
N ILE J 217 57.33 -20.86 -53.75
CA ILE J 217 57.83 -21.49 -54.97
C ILE J 217 57.37 -22.94 -55.02
#